data_4OWN
#
_entry.id   4OWN
#
_cell.length_a   79.585
_cell.length_b   92.313
_cell.length_c   120.826
_cell.angle_alpha   90.000
_cell.angle_beta   90.000
_cell.angle_gamma   90.000
#
_symmetry.space_group_name_H-M   'P 21 21 21'
#
loop_
_entity.id
_entity.type
_entity.pdbx_description
1 polymer 'Anthranilate phosphoribosyltransferase'
2 non-polymer 'MAGNESIUM ION'
3 non-polymer 'PYROPHOSPHATE 2-'
4 non-polymer '2-amino-5-fluorobenzoic acid'
5 non-polymer GLYCEROL
6 non-polymer 1-O-pyrophosphono-5-O-phosphono-alpha-D-ribofuranose
7 non-polymer IMIDAZOLE
8 water water
#
_entity_poly.entity_id   1
_entity_poly.type   'polypeptide(L)'
_entity_poly.pdbx_seq_one_letter_code
;MALSAEGSSGGSRGGSPKAEAASVPSWPQILGRLTDNRDLARGQAAWAMDQIMTGNARPAQIAAFAVAMTMKAPTADEVG
ELAGVMLSHAHPLPADTVPDDAVDVVGTGGDGVNTVNLSTMAAIVVAAAGVPVVKHGNRAASSLSGGADTLEALGVRIDL
GPDLVARSLAEVGIGFCFAPRFHPSYRHAAAVRREIGVPTVFNLLGPLTNPARPRAGLIGCAFADLAEVMAGVFAARRSS
VLVVHGDDGLDELTTTTTSTIWRVAAGSVDKLTFDPAGFGFARAQLDQLAGGDAQANAAAVRAVLGGARGPVRDAVVLNA
AGAIVAHAGLSSRAEWLPAWEEGLRRASAAIDTGAAEQLLARWVRFGRQILEHHHHHH
;
_entity_poly.pdbx_strand_id   A,B
#
loop_
_chem_comp.id
_chem_comp.type
_chem_comp.name
_chem_comp.formula
5RG non-polymer '2-amino-5-fluorobenzoic acid' 'C7 H6 F N O2'
GOL non-polymer GLYCEROL 'C3 H8 O3'
IMD non-polymer IMIDAZOLE 'C3 H5 N2 1'
MG non-polymer 'MAGNESIUM ION' 'Mg 2'
POP non-polymer 'PYROPHOSPHATE 2-' 'H2 O7 P2 -2'
PRP D-saccharide 1-O-pyrophosphono-5-O-phosphono-alpha-D-ribofuranose 'C5 H13 O14 P3'
#
# COMPACT_ATOMS: atom_id res chain seq x y z
N VAL A 24 -2.97 -5.88 21.82
CA VAL A 24 -3.69 -6.76 20.84
C VAL A 24 -3.39 -6.34 19.40
N PRO A 25 -2.48 -7.05 18.73
CA PRO A 25 -2.15 -6.70 17.35
C PRO A 25 -3.26 -7.04 16.36
N SER A 26 -3.38 -6.24 15.32
CA SER A 26 -4.30 -6.54 14.24
C SER A 26 -3.90 -5.81 13.01
N TRP A 27 -4.43 -6.27 11.89
CA TRP A 27 -4.12 -5.65 10.63
C TRP A 27 -4.55 -4.19 10.64
N PRO A 28 -5.78 -3.89 11.11
CA PRO A 28 -6.15 -2.48 11.01
C PRO A 28 -5.28 -1.59 11.88
N GLN A 29 -4.81 -2.09 13.01
CA GLN A 29 -3.92 -1.33 13.88
C GLN A 29 -2.52 -1.10 13.24
N ILE A 30 -1.93 -2.18 12.74
CA ILE A 30 -0.59 -2.09 12.18
C ILE A 30 -0.59 -1.28 10.87
N LEU A 31 -1.54 -1.59 9.99
CA LEU A 31 -1.66 -0.87 8.71
C LEU A 31 -1.96 0.60 8.95
N GLY A 32 -2.83 0.89 9.90
CA GLY A 32 -3.12 2.30 10.27
C GLY A 32 -1.89 3.07 10.71
N ARG A 33 -1.06 2.41 11.51
CA ARG A 33 0.16 3.02 12.00
C ARG A 33 1.11 3.34 10.82
N LEU A 34 1.23 2.42 9.88
CA LEU A 34 2.13 2.60 8.72
C LEU A 34 1.62 3.68 7.78
N THR A 35 0.31 3.70 7.52
CA THR A 35 -0.27 4.74 6.63
C THR A 35 -0.21 6.09 7.28
N ASP A 36 -0.20 6.11 8.61
CA ASP A 36 0.05 7.33 9.38
C ASP A 36 1.53 7.69 9.38
N ASN A 37 2.36 6.93 8.68
CA ASN A 37 3.79 7.21 8.62
C ASN A 37 4.58 7.11 9.92
N ARG A 38 4.15 6.22 10.80
CA ARG A 38 4.84 5.97 12.05
C ARG A 38 5.56 4.63 12.00
N ASP A 39 6.73 4.58 12.63
CA ASP A 39 7.41 3.32 12.87
C ASP A 39 6.51 2.43 13.75
N LEU A 40 6.60 1.12 13.54
CA LEU A 40 5.80 0.17 14.31
C LEU A 40 6.34 0.08 15.74
N ALA A 41 5.51 -0.37 16.67
CA ALA A 41 6.01 -0.76 17.99
C ALA A 41 6.75 -2.09 17.85
N ARG A 42 7.71 -2.33 18.73
CA ARG A 42 8.43 -3.60 18.76
C ARG A 42 7.46 -4.77 18.84
N GLY A 43 7.73 -5.82 18.06
CA GLY A 43 6.86 -6.99 17.98
C GLY A 43 5.83 -6.92 16.86
N GLN A 44 5.46 -5.74 16.40
CA GLN A 44 4.35 -5.65 15.43
C GLN A 44 4.72 -6.21 14.05
N ALA A 45 5.92 -5.88 13.58
CA ALA A 45 6.40 -6.45 12.33
C ALA A 45 6.49 -7.96 12.43
N ALA A 46 7.00 -8.47 13.55
CA ALA A 46 7.11 -9.91 13.74
C ALA A 46 5.73 -10.58 13.71
N TRP A 47 4.75 -9.95 14.36
CA TRP A 47 3.37 -10.48 14.35
C TRP A 47 2.86 -10.60 12.93
N ALA A 48 3.05 -9.53 12.16
CA ALA A 48 2.60 -9.46 10.78
C ALA A 48 3.26 -10.56 9.98
N MET A 49 4.57 -10.68 10.11
CA MET A 49 5.28 -11.67 9.33
C MET A 49 4.86 -13.08 9.73
N ASP A 50 4.61 -13.31 11.00
CA ASP A 50 4.21 -14.64 11.42
C ASP A 50 2.79 -14.99 10.90
N GLN A 51 1.88 -14.02 10.85
CA GLN A 51 0.58 -14.22 10.19
C GLN A 51 0.79 -14.64 8.73
N ILE A 52 1.68 -13.92 8.06
CA ILE A 52 2.00 -14.19 6.65
C ILE A 52 2.60 -15.59 6.45
N MET A 53 3.50 -15.99 7.34
CA MET A 53 4.21 -17.24 7.20
C MET A 53 3.37 -18.46 7.61
N THR A 54 2.32 -18.26 8.42
CA THR A 54 1.48 -19.37 8.84
C THR A 54 0.25 -19.53 7.94
N GLY A 55 0.19 -18.78 6.86
CA GLY A 55 -0.97 -18.84 5.97
C GLY A 55 -2.20 -18.13 6.49
N ASN A 56 -2.07 -17.34 7.57
CA ASN A 56 -3.24 -16.68 8.16
C ASN A 56 -3.57 -15.31 7.65
N ALA A 57 -2.73 -14.76 6.80
CA ALA A 57 -2.97 -13.44 6.24
C ALA A 57 -3.63 -13.56 4.87
N ARG A 58 -4.68 -12.79 4.65
CA ARG A 58 -5.31 -12.71 3.34
C ARG A 58 -4.34 -12.03 2.34
N PRO A 59 -4.40 -12.42 1.06
CA PRO A 59 -3.56 -11.77 0.06
C PRO A 59 -3.64 -10.23 0.11
N ALA A 60 -4.84 -9.70 0.34
CA ALA A 60 -5.00 -8.25 0.43
C ALA A 60 -4.23 -7.67 1.62
N GLN A 61 -4.21 -8.41 2.73
CA GLN A 61 -3.48 -7.96 3.91
C GLN A 61 -1.96 -7.98 3.69
N ILE A 62 -1.48 -9.02 3.04
CA ILE A 62 -0.06 -9.14 2.74
C ILE A 62 0.39 -7.96 1.88
N ALA A 63 -0.37 -7.68 0.83
CA ALA A 63 -0.04 -6.62 -0.11
C ALA A 63 -0.08 -5.26 0.56
N ALA A 64 -1.11 -5.01 1.36
CA ALA A 64 -1.22 -3.75 2.09
C ALA A 64 -0.04 -3.51 2.99
N PHE A 65 0.37 -4.56 3.66
CA PHE A 65 1.48 -4.48 4.58
C PHE A 65 2.80 -4.23 3.82
N ALA A 66 3.03 -5.00 2.76
CA ALA A 66 4.27 -4.86 1.97
C ALA A 66 4.42 -3.44 1.43
N VAL A 67 3.33 -2.88 0.91
CA VAL A 67 3.36 -1.56 0.32
C VAL A 67 3.46 -0.46 1.39
N ALA A 68 2.67 -0.58 2.44
CA ALA A 68 2.67 0.44 3.51
C ALA A 68 4.04 0.52 4.22
N MET A 69 4.65 -0.63 4.46
CA MET A 69 5.98 -0.71 5.07
C MET A 69 6.99 -0.03 4.15
N THR A 70 6.87 -0.30 2.85
CA THR A 70 7.76 0.30 1.86
C THR A 70 7.65 1.84 1.83
N MET A 71 6.43 2.35 1.76
CA MET A 71 6.24 3.79 1.64
C MET A 71 6.47 4.53 2.95
N LYS A 72 6.29 3.85 4.07
CA LYS A 72 6.72 4.44 5.34
C LYS A 72 8.27 4.54 5.40
N ALA A 73 8.97 3.52 4.94
CA ALA A 73 10.44 3.43 5.01
C ALA A 73 10.74 2.57 6.22
N PRO A 74 11.06 1.31 5.99
CA PRO A 74 11.29 0.37 7.08
C PRO A 74 12.54 0.71 7.85
N THR A 75 12.52 0.45 9.14
CA THR A 75 13.73 0.59 9.95
C THR A 75 14.43 -0.76 9.98
N ALA A 76 15.69 -0.73 10.41
CA ALA A 76 16.48 -1.95 10.65
C ALA A 76 15.85 -2.86 11.70
N ASP A 77 15.29 -2.30 12.77
CA ASP A 77 14.58 -3.13 13.76
C ASP A 77 13.39 -3.86 13.13
N GLU A 78 12.60 -3.18 12.31
CA GLU A 78 11.45 -3.83 11.65
C GLU A 78 11.88 -4.93 10.67
N VAL A 79 12.88 -4.65 9.85
CA VAL A 79 13.34 -5.63 8.86
C VAL A 79 13.95 -6.85 9.55
N GLY A 80 14.66 -6.61 10.64
CA GLY A 80 15.15 -7.68 11.49
C GLY A 80 14.07 -8.59 12.04
N GLU A 81 12.92 -8.03 12.38
CA GLU A 81 11.77 -8.84 12.79
C GLU A 81 11.24 -9.69 11.65
N LEU A 82 11.12 -9.07 10.47
CA LEU A 82 10.66 -9.77 9.28
C LEU A 82 11.55 -10.94 8.95
N ALA A 83 12.85 -10.68 8.86
CA ALA A 83 13.79 -11.69 8.47
C ALA A 83 13.91 -12.76 9.54
N GLY A 84 13.94 -12.34 10.81
CA GLY A 84 13.99 -13.29 11.91
C GLY A 84 12.83 -14.26 11.94
N VAL A 85 11.61 -13.75 11.80
CA VAL A 85 10.44 -14.62 11.73
C VAL A 85 10.53 -15.55 10.52
N MET A 86 10.90 -15.02 9.38
CA MET A 86 11.01 -15.85 8.18
C MET A 86 12.04 -16.98 8.38
N LEU A 87 13.18 -16.66 8.99
CA LEU A 87 14.17 -17.67 9.30
C LEU A 87 13.66 -18.76 10.25
N SER A 88 12.81 -18.38 11.21
CA SER A 88 12.27 -19.36 12.16
C SER A 88 11.38 -20.40 11.46
N HIS A 89 10.91 -20.12 10.25
CA HIS A 89 10.10 -21.11 9.50
C HIS A 89 10.92 -21.84 8.45
N ALA A 90 12.19 -21.49 8.27
CA ALA A 90 12.97 -22.08 7.20
C ALA A 90 13.46 -23.48 7.58
N HIS A 91 13.77 -24.29 6.59
CA HIS A 91 14.49 -25.53 6.86
C HIS A 91 15.94 -25.16 7.12
N PRO A 92 16.49 -25.61 8.25
CA PRO A 92 17.91 -25.39 8.49
C PRO A 92 18.78 -26.43 7.76
N LEU A 93 20.08 -26.16 7.62
CA LEU A 93 21.02 -27.23 7.29
C LEU A 93 21.35 -28.04 8.55
N PRO A 94 21.73 -29.32 8.41
CA PRO A 94 22.02 -30.08 9.64
C PRO A 94 23.11 -29.45 10.52
N ALA A 95 23.02 -29.71 11.83
CA ALA A 95 24.00 -29.24 12.81
C ALA A 95 25.43 -29.48 12.35
N ASP A 96 26.28 -28.48 12.49
CA ASP A 96 27.73 -28.60 12.21
C ASP A 96 28.09 -28.97 10.77
N THR A 97 27.31 -28.53 9.80
CA THR A 97 27.68 -28.75 8.39
C THR A 97 28.09 -27.45 7.69
N VAL A 98 27.87 -26.31 8.32
CA VAL A 98 28.25 -25.05 7.73
C VAL A 98 29.48 -24.53 8.46
N PRO A 99 30.62 -24.37 7.74
CA PRO A 99 31.77 -23.85 8.46
C PRO A 99 31.49 -22.45 9.01
N ASP A 100 32.06 -22.19 10.18
CA ASP A 100 32.07 -20.85 10.79
C ASP A 100 32.37 -19.68 9.85
N ASP A 101 33.15 -19.92 8.80
CA ASP A 101 33.64 -18.81 7.97
C ASP A 101 33.05 -18.86 6.54
N ALA A 102 31.91 -19.52 6.38
CA ALA A 102 31.21 -19.52 5.09
C ALA A 102 30.70 -18.12 4.73
N VAL A 103 30.66 -17.85 3.43
CA VAL A 103 30.30 -16.55 2.91
C VAL A 103 29.19 -16.67 1.88
N ASP A 104 28.35 -15.64 1.78
CA ASP A 104 27.32 -15.57 0.76
C ASP A 104 27.70 -14.44 -0.19
N VAL A 105 27.20 -14.53 -1.40
CA VAL A 105 27.35 -13.47 -2.39
C VAL A 105 25.97 -13.38 -3.04
N VAL A 106 25.25 -12.31 -2.73
CA VAL A 106 23.82 -12.25 -3.09
C VAL A 106 23.28 -10.83 -2.97
N GLY A 107 22.31 -10.51 -3.83
CA GLY A 107 21.76 -9.18 -3.89
C GLY A 107 20.24 -9.17 -3.84
N THR A 108 19.70 -7.96 -3.63
CA THR A 108 18.26 -7.74 -3.65
C THR A 108 17.72 -7.90 -5.06
N GLY A 109 18.57 -7.71 -6.07
CA GLY A 109 18.11 -7.72 -7.45
C GLY A 109 17.31 -6.47 -7.64
N GLY A 110 16.62 -6.37 -8.79
CA GLY A 110 15.76 -5.23 -9.11
C GLY A 110 16.50 -3.94 -9.39
N ASP A 111 17.72 -4.01 -9.91
CA ASP A 111 18.44 -2.80 -10.32
C ASP A 111 17.99 -2.35 -11.71
N GLY A 112 17.16 -3.18 -12.37
CA GLY A 112 16.53 -2.82 -13.63
C GLY A 112 17.45 -2.76 -14.83
N VAL A 113 18.70 -3.20 -14.67
CA VAL A 113 19.67 -3.11 -15.76
C VAL A 113 19.95 -4.46 -16.42
N ASN A 114 19.26 -5.53 -16.00
CA ASN A 114 19.47 -6.86 -16.58
C ASN A 114 20.95 -7.19 -16.85
N THR A 115 21.77 -7.19 -15.80
CA THR A 115 23.18 -7.59 -15.93
C THR A 115 23.31 -9.09 -16.05
N VAL A 116 24.49 -9.48 -16.48
CA VAL A 116 25.01 -10.82 -16.34
C VAL A 116 25.05 -11.21 -14.82
N ASN A 117 25.14 -12.49 -14.50
CA ASN A 117 24.98 -12.95 -13.11
C ASN A 117 26.29 -12.78 -12.33
N LEU A 118 26.57 -11.54 -11.95
CA LEU A 118 27.83 -11.17 -11.32
C LEU A 118 28.06 -11.85 -9.99
N SER A 119 27.01 -11.93 -9.18
CA SER A 119 27.13 -12.53 -7.85
C SER A 119 27.40 -14.00 -7.96
N THR A 120 26.70 -14.67 -8.86
CA THR A 120 26.85 -16.11 -9.06
C THR A 120 28.27 -16.48 -9.56
N MET A 121 28.79 -15.70 -10.51
CA MET A 121 30.14 -15.90 -11.00
C MET A 121 31.19 -15.63 -9.91
N ALA A 122 31.01 -14.54 -9.18
CA ALA A 122 31.86 -14.22 -8.07
C ALA A 122 31.89 -15.36 -7.05
N ALA A 123 30.73 -15.92 -6.72
CA ALA A 123 30.64 -17.02 -5.75
C ALA A 123 31.47 -18.26 -6.15
N ILE A 124 31.42 -18.62 -7.43
CA ILE A 124 32.26 -19.70 -7.96
C ILE A 124 33.73 -19.34 -7.80
N VAL A 125 34.07 -18.09 -8.11
CA VAL A 125 35.48 -17.65 -8.02
C VAL A 125 35.96 -17.67 -6.58
N VAL A 126 35.12 -17.18 -5.68
CA VAL A 126 35.46 -17.14 -4.25
C VAL A 126 35.70 -18.55 -3.71
N ALA A 127 34.81 -19.48 -4.07
CA ALA A 127 34.96 -20.88 -3.64
C ALA A 127 36.24 -21.49 -4.19
N ALA A 128 36.55 -21.20 -5.45
CA ALA A 128 37.77 -21.70 -6.07
C ALA A 128 39.02 -21.14 -5.41
N ALA A 129 38.89 -19.96 -4.79
CA ALA A 129 39.99 -19.36 -4.05
C ALA A 129 40.18 -20.01 -2.67
N GLY A 130 39.26 -20.92 -2.31
CA GLY A 130 39.41 -21.70 -1.10
C GLY A 130 38.50 -21.22 0.03
N VAL A 131 37.54 -20.35 -0.24
CA VAL A 131 36.65 -19.83 0.79
C VAL A 131 35.31 -20.56 0.67
N PRO A 132 34.80 -21.12 1.78
CA PRO A 132 33.52 -21.81 1.72
C PRO A 132 32.39 -20.85 1.35
N VAL A 133 31.55 -21.28 0.43
CA VAL A 133 30.47 -20.43 -0.08
C VAL A 133 29.16 -21.16 0.01
N VAL A 134 28.17 -20.52 0.64
CA VAL A 134 26.84 -21.05 0.60
C VAL A 134 25.93 -19.93 0.14
N LYS A 135 25.50 -20.07 -1.11
CA LYS A 135 24.73 -19.04 -1.74
C LYS A 135 23.26 -19.33 -1.65
N HIS A 136 22.50 -18.29 -1.34
CA HIS A 136 21.06 -18.34 -1.28
C HIS A 136 20.65 -17.69 -2.57
N GLY A 137 19.63 -18.23 -3.22
CA GLY A 137 19.24 -17.70 -4.51
C GLY A 137 17.93 -18.25 -5.03
N ASN A 138 17.58 -17.79 -6.22
CA ASN A 138 16.26 -17.97 -6.75
C ASN A 138 16.24 -17.74 -8.25
N ARG A 139 15.21 -18.21 -8.91
CA ARG A 139 14.97 -17.86 -10.32
C ARG A 139 14.73 -16.36 -10.50
N ALA A 140 14.69 -15.90 -11.75
CA ALA A 140 14.41 -14.49 -12.02
C ALA A 140 12.91 -14.26 -11.94
N LEU A 144 15.39 -12.24 -18.62
CA LEU A 144 15.56 -12.28 -17.18
C LEU A 144 16.03 -13.66 -16.75
N SER A 145 17.34 -13.87 -16.75
CA SER A 145 17.91 -15.10 -16.21
C SER A 145 18.55 -14.81 -14.85
N GLY A 146 17.97 -15.40 -13.81
CA GLY A 146 18.45 -15.23 -12.46
C GLY A 146 19.57 -16.21 -12.18
N GLY A 147 20.24 -16.00 -11.05
CA GLY A 147 21.35 -16.86 -10.64
C GLY A 147 21.04 -18.34 -10.71
N ALA A 148 19.87 -18.72 -10.18
CA ALA A 148 19.44 -20.13 -10.22
C ALA A 148 19.20 -20.65 -11.64
N ASP A 149 18.68 -19.79 -12.51
CA ASP A 149 18.42 -20.15 -13.89
C ASP A 149 19.73 -20.43 -14.60
N THR A 150 20.69 -19.54 -14.41
CA THR A 150 21.99 -19.68 -15.03
C THR A 150 22.73 -20.92 -14.54
N LEU A 151 22.69 -21.18 -13.24
CA LEU A 151 23.35 -22.36 -12.67
C LEU A 151 22.70 -23.60 -13.24
N GLU A 152 21.38 -23.58 -13.35
CA GLU A 152 20.68 -24.71 -13.94
C GLU A 152 21.12 -24.94 -15.38
N ALA A 153 21.23 -23.86 -16.15
CA ALA A 153 21.68 -23.94 -17.54
C ALA A 153 23.14 -24.42 -17.67
N LEU A 154 23.93 -24.26 -16.61
CA LEU A 154 25.29 -24.80 -16.56
C LEU A 154 25.34 -26.26 -16.12
N GLY A 155 24.22 -26.85 -15.72
CA GLY A 155 24.21 -28.25 -15.29
C GLY A 155 24.37 -28.44 -13.80
N VAL A 156 24.38 -27.35 -13.05
CA VAL A 156 24.43 -27.43 -11.60
C VAL A 156 23.03 -27.75 -11.09
N ARG A 157 22.97 -28.60 -10.07
CA ARG A 157 21.71 -28.99 -9.46
C ARG A 157 21.29 -27.95 -8.47
N ILE A 158 20.24 -27.20 -8.78
CA ILE A 158 19.83 -26.11 -7.88
C ILE A 158 18.83 -26.55 -6.79
N ASP A 159 18.28 -27.73 -6.94
CA ASP A 159 17.09 -28.16 -6.19
C ASP A 159 17.40 -29.12 -5.03
N LEU A 160 18.53 -28.97 -4.37
CA LEU A 160 18.92 -29.95 -3.36
C LEU A 160 18.40 -29.58 -1.99
N GLY A 161 18.10 -30.60 -1.19
CA GLY A 161 17.63 -30.42 0.17
C GLY A 161 18.77 -30.18 1.14
N PRO A 162 18.45 -29.89 2.41
CA PRO A 162 19.46 -29.55 3.41
C PRO A 162 20.65 -30.50 3.45
N ASP A 163 20.42 -31.80 3.41
CA ASP A 163 21.51 -32.78 3.57
C ASP A 163 22.45 -32.72 2.39
N LEU A 164 21.91 -32.64 1.19
CA LEU A 164 22.76 -32.63 0.00
C LEU A 164 23.46 -31.30 -0.19
N VAL A 165 22.85 -30.19 0.21
CA VAL A 165 23.56 -28.91 0.22
C VAL A 165 24.77 -28.97 1.14
N ALA A 166 24.62 -29.62 2.29
CA ALA A 166 25.71 -29.71 3.23
C ALA A 166 26.85 -30.59 2.65
N ARG A 167 26.47 -31.64 1.93
CA ARG A 167 27.46 -32.48 1.23
C ARG A 167 28.16 -31.73 0.09
N SER A 168 27.40 -30.95 -0.67
CA SER A 168 27.98 -30.07 -1.69
C SER A 168 29.06 -29.20 -1.07
N LEU A 169 28.69 -28.55 0.03
CA LEU A 169 29.60 -27.66 0.72
C LEU A 169 30.89 -28.41 1.18
N ALA A 170 30.72 -29.59 1.77
CA ALA A 170 31.84 -30.38 2.28
C ALA A 170 32.72 -30.92 1.17
N GLU A 171 32.10 -31.36 0.07
CA GLU A 171 32.82 -32.05 -1.02
C GLU A 171 33.27 -31.15 -2.18
N VAL A 172 32.53 -30.08 -2.45
CA VAL A 172 32.90 -29.17 -3.53
C VAL A 172 33.37 -27.80 -3.04
N GLY A 173 33.02 -27.42 -1.81
CA GLY A 173 33.40 -26.15 -1.26
C GLY A 173 32.38 -25.04 -1.55
N ILE A 174 31.28 -25.41 -2.17
CA ILE A 174 30.20 -24.50 -2.45
C ILE A 174 28.90 -25.25 -2.39
N GLY A 175 27.85 -24.55 -1.96
CA GLY A 175 26.50 -25.08 -2.04
C GLY A 175 25.55 -23.96 -2.38
N PHE A 176 24.36 -24.36 -2.84
CA PHE A 176 23.32 -23.45 -3.24
C PHE A 176 21.99 -23.84 -2.61
N CYS A 177 21.44 -22.91 -1.83
CA CYS A 177 20.12 -23.05 -1.24
C CYS A 177 19.11 -22.34 -2.12
N PHE A 178 18.26 -23.13 -2.77
CA PHE A 178 17.20 -22.65 -3.63
C PHE A 178 16.06 -22.20 -2.72
N ALA A 179 15.74 -20.92 -2.77
CA ALA A 179 14.78 -20.32 -1.83
C ALA A 179 13.43 -21.04 -1.66
N PRO A 180 12.77 -21.45 -2.76
CA PRO A 180 11.50 -22.17 -2.61
C PRO A 180 11.61 -23.51 -1.87
N ARG A 181 12.75 -24.18 -2.02
CA ARG A 181 12.98 -25.45 -1.36
C ARG A 181 13.16 -25.25 0.15
N PHE A 182 13.82 -24.17 0.55
CA PHE A 182 14.13 -23.93 1.96
C PHE A 182 13.11 -23.07 2.73
N HIS A 183 12.30 -22.30 2.01
CA HIS A 183 11.31 -21.43 2.61
C HIS A 183 9.91 -21.70 2.09
N PRO A 184 9.40 -22.93 2.31
CA PRO A 184 8.07 -23.26 1.77
C PRO A 184 6.93 -22.41 2.30
N SER A 185 7.05 -21.95 3.54
CA SER A 185 5.99 -21.16 4.17
C SER A 185 5.86 -19.74 3.65
N TYR A 186 6.84 -19.32 2.85
CA TYR A 186 6.86 -17.98 2.25
C TYR A 186 6.02 -17.94 0.97
N ARG A 187 5.44 -19.08 0.60
CA ARG A 187 4.70 -19.18 -0.67
C ARG A 187 3.58 -18.17 -0.82
N HIS A 188 2.89 -17.82 0.25
CA HIS A 188 1.80 -16.83 0.19
C HIS A 188 2.33 -15.43 -0.13
N ALA A 189 3.44 -15.07 0.50
CA ALA A 189 4.12 -13.82 0.22
C ALA A 189 4.69 -13.76 -1.21
N ALA A 190 5.35 -14.84 -1.64
CA ALA A 190 5.94 -14.89 -2.98
C ALA A 190 4.90 -14.65 -4.05
N ALA A 191 3.72 -15.25 -3.87
CA ALA A 191 2.63 -15.07 -4.82
C ALA A 191 2.15 -13.63 -4.84
N VAL A 192 2.02 -13.01 -3.68
CA VAL A 192 1.60 -11.61 -3.64
C VAL A 192 2.65 -10.73 -4.33
N ARG A 193 3.93 -11.01 -4.10
CA ARG A 193 5.00 -10.24 -4.76
C ARG A 193 4.91 -10.32 -6.29
N ARG A 194 4.61 -11.51 -6.81
CA ARG A 194 4.42 -11.69 -8.24
C ARG A 194 3.20 -10.94 -8.74
N GLU A 195 2.08 -10.99 -8.01
CA GLU A 195 0.86 -10.30 -8.44
C GLU A 195 1.00 -8.79 -8.48
N ILE A 196 1.73 -8.19 -7.53
CA ILE A 196 1.79 -6.73 -7.52
C ILE A 196 2.98 -6.19 -8.33
N GLY A 197 4.05 -6.99 -8.42
CA GLY A 197 5.21 -6.66 -9.26
C GLY A 197 6.12 -5.59 -8.70
N VAL A 198 5.54 -4.54 -8.14
CA VAL A 198 6.33 -3.43 -7.61
C VAL A 198 7.31 -3.94 -6.52
N PRO A 199 8.54 -3.42 -6.49
CA PRO A 199 9.45 -3.79 -5.40
C PRO A 199 8.94 -3.29 -4.04
N THR A 200 9.17 -4.08 -2.99
CA THR A 200 8.76 -3.70 -1.63
C THR A 200 9.86 -4.06 -0.65
N VAL A 201 9.60 -3.81 0.62
CA VAL A 201 10.45 -4.27 1.70
C VAL A 201 10.76 -5.76 1.58
N PHE A 202 9.86 -6.56 1.02
CA PHE A 202 10.11 -8.00 0.86
C PHE A 202 11.33 -8.34 -0.02
N ASN A 203 11.63 -7.46 -0.96
CA ASN A 203 12.80 -7.65 -1.82
C ASN A 203 14.10 -7.62 -1.02
N LEU A 204 14.08 -7.03 0.18
CA LEU A 204 15.26 -7.05 1.06
C LEU A 204 15.53 -8.38 1.74
N LEU A 205 14.56 -9.28 1.78
CA LEU A 205 14.65 -10.42 2.70
C LEU A 205 15.50 -11.59 2.21
N GLY A 206 15.62 -11.70 0.89
CA GLY A 206 16.40 -12.78 0.26
C GLY A 206 17.80 -12.87 0.83
N PRO A 207 18.58 -11.78 0.75
CA PRO A 207 19.92 -11.73 1.33
C PRO A 207 19.97 -11.93 2.83
N LEU A 208 18.88 -11.61 3.52
CA LEU A 208 18.82 -11.68 4.97
C LEU A 208 18.32 -13.00 5.51
N THR A 209 17.94 -13.94 4.68
CA THR A 209 17.34 -15.18 5.15
C THR A 209 17.95 -16.42 4.50
N ASN A 210 19.25 -16.36 4.23
CA ASN A 210 19.99 -17.52 3.77
C ASN A 210 19.83 -18.56 4.86
N PRO A 211 19.26 -19.72 4.54
CA PRO A 211 18.92 -20.69 5.57
C PRO A 211 20.16 -21.33 6.22
N ALA A 212 21.32 -21.25 5.57
CA ALA A 212 22.56 -21.76 6.15
C ALA A 212 23.16 -20.78 7.16
N ARG A 213 22.62 -19.56 7.21
CA ARG A 213 23.08 -18.49 8.10
C ARG A 213 24.58 -18.26 8.07
N PRO A 214 25.16 -18.09 6.88
CA PRO A 214 26.58 -17.73 6.90
C PRO A 214 26.84 -16.39 7.62
N ARG A 215 28.01 -16.27 8.23
CA ARG A 215 28.30 -15.09 9.04
C ARG A 215 29.00 -14.01 8.25
N ALA A 216 29.39 -14.31 7.02
CA ALA A 216 30.02 -13.30 6.17
C ALA A 216 29.32 -13.18 4.82
N GLY A 217 29.48 -12.05 4.18
CA GLY A 217 28.80 -11.89 2.91
C GLY A 217 29.13 -10.62 2.16
N LEU A 218 29.01 -10.72 0.84
CA LEU A 218 28.95 -9.54 -0.01
C LEU A 218 27.51 -9.44 -0.46
N ILE A 219 26.84 -8.40 0.03
CA ILE A 219 25.41 -8.25 -0.09
C ILE A 219 25.05 -7.02 -0.93
N GLY A 220 24.49 -7.24 -2.12
CA GLY A 220 24.10 -6.16 -3.01
C GLY A 220 22.69 -5.61 -2.72
N CYS A 221 22.57 -4.29 -2.74
CA CYS A 221 21.27 -3.60 -2.59
C CYS A 221 21.07 -2.59 -3.72
N ALA A 222 19.96 -2.73 -4.45
CA ALA A 222 19.68 -1.84 -5.58
C ALA A 222 19.11 -0.52 -5.09
N PHE A 223 18.60 -0.51 -3.87
CA PHE A 223 17.89 0.63 -3.32
C PHE A 223 18.81 1.38 -2.37
N ALA A 224 19.26 2.54 -2.84
CA ALA A 224 20.31 3.30 -2.15
C ALA A 224 20.00 3.54 -0.67
N ASP A 225 18.78 3.98 -0.38
CA ASP A 225 18.38 4.31 0.99
C ASP A 225 18.11 3.10 1.90
N LEU A 226 17.99 1.91 1.33
CA LEU A 226 17.70 0.70 2.13
C LEU A 226 18.93 -0.12 2.43
N ALA A 227 20.03 0.14 1.73
CA ALA A 227 21.29 -0.50 2.01
C ALA A 227 21.69 -0.28 3.46
N GLU A 228 21.48 0.92 3.95
CA GLU A 228 21.87 1.22 5.32
C GLU A 228 21.03 0.41 6.29
N VAL A 229 19.77 0.22 5.94
CA VAL A 229 18.86 -0.57 6.75
C VAL A 229 19.34 -2.04 6.78
N MET A 230 19.69 -2.56 5.62
CA MET A 230 20.21 -3.94 5.52
C MET A 230 21.46 -4.10 6.34
N ALA A 231 22.36 -3.11 6.27
CA ALA A 231 23.58 -3.11 7.07
C ALA A 231 23.28 -3.15 8.57
N GLY A 232 22.30 -2.37 9.00
CA GLY A 232 21.86 -2.40 10.41
C GLY A 232 21.39 -3.78 10.86
N VAL A 233 20.63 -4.47 10.01
CA VAL A 233 20.20 -5.83 10.33
C VAL A 233 21.42 -6.73 10.52
N PHE A 234 22.39 -6.66 9.60
CA PHE A 234 23.57 -7.51 9.71
C PHE A 234 24.41 -7.17 10.93
N ALA A 235 24.46 -5.88 11.27
CA ALA A 235 25.21 -5.44 12.45
C ALA A 235 24.68 -6.06 13.74
N ALA A 236 23.37 -6.25 13.82
CA ALA A 236 22.78 -6.90 14.99
C ALA A 236 22.99 -8.42 15.02
N ARG A 237 23.63 -8.97 13.99
CA ARG A 237 23.94 -10.38 13.94
C ARG A 237 25.42 -10.68 14.19
N ARG A 238 26.26 -9.67 14.29
CA ARG A 238 27.67 -9.99 14.45
C ARG A 238 28.29 -10.54 13.15
N SER A 239 27.70 -10.26 12.01
CA SER A 239 28.23 -10.75 10.77
C SER A 239 29.44 -9.90 10.38
N SER A 240 30.23 -10.39 9.45
CA SER A 240 31.18 -9.55 8.73
C SER A 240 30.68 -9.48 7.29
N VAL A 241 30.12 -8.32 6.94
CA VAL A 241 29.44 -8.16 5.69
C VAL A 241 29.85 -6.85 5.01
N LEU A 242 29.95 -6.85 3.69
CA LEU A 242 29.95 -5.60 2.92
C LEU A 242 28.60 -5.49 2.20
N VAL A 243 27.81 -4.49 2.58
CA VAL A 243 26.61 -4.18 1.86
C VAL A 243 27.01 -3.14 0.84
N VAL A 244 26.71 -3.40 -0.43
CA VAL A 244 27.21 -2.57 -1.49
C VAL A 244 26.11 -2.09 -2.38
N HIS A 245 26.30 -0.88 -2.89
CA HIS A 245 25.40 -0.29 -3.87
C HIS A 245 26.28 0.48 -4.87
N GLY A 246 26.24 0.07 -6.14
CA GLY A 246 26.91 0.83 -7.18
C GLY A 246 26.29 2.21 -7.24
N ASP A 247 27.09 3.25 -7.40
CA ASP A 247 26.53 4.59 -7.53
C ASP A 247 25.90 4.78 -8.91
N ASP A 248 25.90 3.73 -9.74
CA ASP A 248 25.12 3.68 -10.98
C ASP A 248 23.84 2.88 -10.83
N GLY A 249 23.52 2.45 -9.60
CA GLY A 249 22.29 1.70 -9.35
C GLY A 249 22.45 0.18 -9.21
N LEU A 250 23.61 -0.34 -9.61
CA LEU A 250 23.85 -1.80 -9.50
C LEU A 250 23.73 -2.32 -8.08
N ASP A 251 23.09 -3.49 -7.94
CA ASP A 251 23.16 -4.25 -6.67
C ASP A 251 24.43 -5.14 -6.59
N GLU A 252 25.56 -4.56 -6.99
CA GLU A 252 26.86 -5.24 -7.05
C GLU A 252 27.89 -4.13 -6.92
N LEU A 253 29.15 -4.48 -6.66
CA LEU A 253 30.22 -3.52 -6.82
C LEU A 253 30.41 -3.29 -8.33
N THR A 254 30.38 -2.04 -8.73
CA THR A 254 30.37 -1.73 -10.15
C THR A 254 31.73 -1.26 -10.61
N THR A 255 31.95 -1.38 -11.91
CA THR A 255 33.17 -0.89 -12.54
C THR A 255 32.97 0.41 -13.34
N THR A 256 31.72 0.87 -13.48
CA THR A 256 31.43 2.06 -14.28
C THR A 256 31.56 3.36 -13.50
N THR A 257 31.72 3.27 -12.19
CA THR A 257 31.84 4.47 -11.35
C THR A 257 32.14 3.98 -9.93
N THR A 258 32.01 4.87 -8.94
CA THR A 258 32.19 4.50 -7.56
C THR A 258 31.03 3.63 -7.05
N SER A 259 31.20 3.11 -5.84
CA SER A 259 30.16 2.42 -5.12
C SER A 259 30.14 2.89 -3.68
N THR A 260 28.97 2.79 -3.06
CA THR A 260 28.87 3.02 -1.63
C THR A 260 28.96 1.69 -0.93
N ILE A 261 29.78 1.60 0.11
CA ILE A 261 29.90 0.36 0.86
C ILE A 261 29.60 0.63 2.31
N TRP A 262 28.69 -0.17 2.87
CA TRP A 262 28.45 -0.16 4.29
C TRP A 262 29.16 -1.38 4.85
N ARG A 263 30.30 -1.14 5.45
CA ARG A 263 31.10 -2.18 6.00
C ARG A 263 30.58 -2.51 7.40
N VAL A 264 30.24 -3.79 7.62
CA VAL A 264 29.68 -4.25 8.89
C VAL A 264 30.59 -5.25 9.56
N ALA A 265 30.97 -4.95 10.80
CA ALA A 265 31.73 -5.88 11.64
C ALA A 265 31.56 -5.51 13.12
N ALA A 266 31.65 -6.52 13.98
CA ALA A 266 31.70 -6.30 15.43
C ALA A 266 30.50 -5.54 15.97
N GLY A 267 29.35 -5.66 15.30
CA GLY A 267 28.15 -4.95 15.70
C GLY A 267 28.06 -3.49 15.25
N SER A 268 29.00 -3.05 14.41
CA SER A 268 28.97 -1.67 13.94
C SER A 268 29.13 -1.52 12.40
N VAL A 269 28.91 -0.29 11.92
CA VAL A 269 28.85 0.02 10.51
C VAL A 269 29.83 1.15 10.18
N ASP A 270 30.57 1.02 9.08
CA ASP A 270 31.52 2.05 8.62
C ASP A 270 31.18 2.27 7.14
N LYS A 271 30.54 3.39 6.86
CA LYS A 271 30.08 3.71 5.50
C LYS A 271 31.19 4.42 4.76
N LEU A 272 31.38 4.07 3.50
CA LEU A 272 32.47 4.68 2.75
C LEU A 272 32.21 4.64 1.26
N THR A 273 32.90 5.52 0.56
CA THR A 273 32.89 5.56 -0.89
C THR A 273 34.09 4.77 -1.40
N PHE A 274 33.82 3.86 -2.32
CA PHE A 274 34.81 2.93 -2.85
C PHE A 274 34.99 3.25 -4.35
N ASP A 275 36.25 3.36 -4.78
CA ASP A 275 36.56 3.62 -6.17
C ASP A 275 37.56 2.56 -6.69
N PRO A 276 37.12 1.72 -7.64
CA PRO A 276 37.99 0.66 -8.17
C PRO A 276 39.16 1.16 -9.04
N ALA A 277 39.09 2.42 -9.51
CA ALA A 277 40.24 3.03 -10.20
C ALA A 277 41.45 2.98 -9.28
N GLY A 278 41.22 3.07 -7.97
CA GLY A 278 42.32 2.96 -6.99
C GLY A 278 43.07 1.64 -7.04
N PHE A 279 42.43 0.61 -7.60
CA PHE A 279 43.11 -0.68 -7.83
C PHE A 279 43.41 -0.91 -9.29
N GLY A 280 43.25 0.14 -10.09
CA GLY A 280 43.68 0.14 -11.46
C GLY A 280 42.66 -0.38 -12.42
N PHE A 281 41.40 -0.50 -12.00
CA PHE A 281 40.36 -0.93 -12.90
C PHE A 281 39.95 0.20 -13.81
N ALA A 282 39.96 -0.05 -15.12
CA ALA A 282 39.43 0.91 -16.07
C ALA A 282 37.93 1.06 -15.85
N ARG A 283 37.43 2.27 -16.06
CA ARG A 283 36.01 2.54 -16.01
C ARG A 283 35.31 1.81 -17.16
N ALA A 284 34.27 1.06 -16.86
CA ALA A 284 33.48 0.40 -17.91
C ALA A 284 32.18 1.15 -18.16
N GLN A 285 31.47 0.77 -19.20
CA GLN A 285 30.13 1.27 -19.47
C GLN A 285 29.15 0.18 -19.10
N LEU A 286 28.00 0.57 -18.57
CA LEU A 286 26.99 -0.36 -18.07
C LEU A 286 26.50 -1.41 -19.10
N ASP A 287 26.36 -1.00 -20.35
CA ASP A 287 25.90 -1.91 -21.42
C ASP A 287 26.85 -3.10 -21.61
N GLN A 288 28.13 -2.93 -21.25
CA GLN A 288 29.11 -4.00 -21.40
C GLN A 288 28.91 -5.13 -20.40
N LEU A 289 28.03 -4.92 -19.41
CA LEU A 289 27.69 -5.92 -18.38
C LEU A 289 26.28 -6.50 -18.54
N ALA A 290 25.59 -6.14 -19.62
CA ALA A 290 24.21 -6.60 -19.84
C ALA A 290 24.19 -8.09 -20.14
N GLY A 291 23.19 -8.78 -19.60
CA GLY A 291 23.04 -10.22 -19.83
C GLY A 291 21.90 -10.50 -20.78
N GLY A 292 21.57 -11.78 -20.93
CA GLY A 292 20.52 -12.23 -21.83
C GLY A 292 19.70 -13.32 -21.16
N ASP A 293 19.32 -14.33 -21.93
CA ASP A 293 18.61 -15.49 -21.37
C ASP A 293 19.57 -16.41 -20.61
N ALA A 294 19.04 -17.49 -20.04
CA ALA A 294 19.84 -18.45 -19.30
C ALA A 294 21.05 -18.95 -20.12
N GLN A 295 20.86 -19.27 -21.40
CA GLN A 295 21.95 -19.74 -22.25
C GLN A 295 23.02 -18.67 -22.45
N ALA A 296 22.60 -17.44 -22.70
CA ALA A 296 23.54 -16.37 -22.91
C ALA A 296 24.36 -16.13 -21.64
N ASN A 297 23.68 -16.07 -20.50
CA ASN A 297 24.36 -15.85 -19.23
C ASN A 297 25.25 -17.02 -18.82
N ALA A 298 24.86 -18.24 -19.20
CA ALA A 298 25.72 -19.39 -18.99
C ALA A 298 26.99 -19.31 -19.85
N ALA A 299 26.85 -18.90 -21.10
CA ALA A 299 28.03 -18.72 -21.97
C ALA A 299 28.92 -17.61 -21.43
N ALA A 300 28.35 -16.55 -20.89
CA ALA A 300 29.17 -15.51 -20.23
C ALA A 300 29.97 -16.10 -19.03
N VAL A 301 29.35 -17.01 -18.27
CA VAL A 301 30.05 -17.65 -17.17
C VAL A 301 31.24 -18.45 -17.72
N ARG A 302 31.00 -19.29 -18.72
CA ARG A 302 32.06 -20.13 -19.26
C ARG A 302 33.20 -19.30 -19.87
N ALA A 303 32.87 -18.19 -20.51
CA ALA A 303 33.89 -17.29 -21.06
C ALA A 303 34.80 -16.76 -19.97
N VAL A 304 34.20 -16.24 -18.90
CA VAL A 304 34.96 -15.64 -17.81
C VAL A 304 35.87 -16.67 -17.14
N LEU A 305 35.34 -17.86 -16.91
CA LEU A 305 36.07 -18.88 -16.17
C LEU A 305 37.17 -19.48 -17.03
N GLY A 306 37.05 -19.29 -18.34
CA GLY A 306 38.05 -19.76 -19.28
C GLY A 306 39.20 -18.77 -19.46
N GLY A 307 39.08 -17.58 -18.87
CA GLY A 307 40.16 -16.60 -18.92
C GLY A 307 39.93 -15.40 -19.82
N ALA A 308 38.77 -15.29 -20.48
CA ALA A 308 38.50 -14.13 -21.33
C ALA A 308 38.60 -12.83 -20.53
N ARG A 309 39.47 -11.93 -20.97
CA ARG A 309 39.66 -10.64 -20.33
C ARG A 309 38.58 -9.69 -20.83
N GLY A 310 38.29 -8.67 -20.04
CA GLY A 310 37.26 -7.70 -20.42
C GLY A 310 36.49 -7.16 -19.25
N PRO A 311 35.47 -6.33 -19.54
CA PRO A 311 34.68 -5.68 -18.50
C PRO A 311 33.99 -6.65 -17.53
N VAL A 312 33.48 -7.77 -18.04
CA VAL A 312 32.74 -8.71 -17.24
C VAL A 312 33.67 -9.40 -16.24
N ARG A 313 34.83 -9.84 -16.71
CA ARG A 313 35.80 -10.42 -15.82
C ARG A 313 36.16 -9.44 -14.73
N ASP A 314 36.41 -8.18 -15.13
CA ASP A 314 36.80 -7.17 -14.17
C ASP A 314 35.77 -7.08 -13.05
N ALA A 315 34.49 -7.06 -13.42
CA ALA A 315 33.43 -6.91 -12.41
C ALA A 315 33.32 -8.15 -11.54
N VAL A 316 33.51 -9.33 -12.14
CA VAL A 316 33.51 -10.57 -11.37
C VAL A 316 34.64 -10.56 -10.35
N VAL A 317 35.85 -10.26 -10.82
CA VAL A 317 37.03 -10.20 -9.95
C VAL A 317 36.81 -9.21 -8.80
N LEU A 318 36.22 -8.07 -9.12
CA LEU A 318 35.98 -7.03 -8.15
C LEU A 318 35.03 -7.53 -7.08
N ASN A 319 33.93 -8.16 -7.47
CA ASN A 319 32.96 -8.65 -6.50
C ASN A 319 33.47 -9.88 -5.70
N ALA A 320 34.23 -10.75 -6.35
CA ALA A 320 34.84 -11.87 -5.68
C ALA A 320 35.79 -11.37 -4.60
N ALA A 321 36.60 -10.37 -4.94
CA ALA A 321 37.51 -9.80 -3.94
C ALA A 321 36.74 -9.24 -2.76
N GLY A 322 35.63 -8.56 -3.05
CA GLY A 322 34.79 -7.98 -1.98
C GLY A 322 34.31 -9.03 -1.01
N ALA A 323 33.91 -10.19 -1.55
CA ALA A 323 33.49 -11.31 -0.72
C ALA A 323 34.64 -11.85 0.09
N ILE A 324 35.81 -11.95 -0.54
CA ILE A 324 36.98 -12.41 0.18
C ILE A 324 37.33 -11.44 1.32
N VAL A 325 37.15 -10.14 1.08
CA VAL A 325 37.40 -9.16 2.15
C VAL A 325 36.43 -9.32 3.34
N ALA A 326 35.16 -9.58 3.04
CA ALA A 326 34.17 -9.78 4.07
C ALA A 326 34.53 -11.02 4.89
N HIS A 327 34.89 -12.09 4.21
CA HIS A 327 35.37 -13.31 4.87
C HIS A 327 36.59 -13.02 5.75
N ALA A 328 37.53 -12.21 5.26
CA ALA A 328 38.71 -11.83 6.07
C ALA A 328 38.28 -11.10 7.35
N GLY A 329 37.19 -10.34 7.28
CA GLY A 329 36.64 -9.67 8.44
C GLY A 329 36.20 -10.56 9.60
N LEU A 330 36.11 -11.88 9.39
CA LEU A 330 35.72 -12.79 10.48
C LEU A 330 36.86 -13.06 11.46
N SER A 331 37.99 -13.52 10.91
CA SER A 331 39.22 -13.73 11.67
C SER A 331 40.10 -12.53 11.34
N SER A 332 39.68 -11.37 11.83
CA SER A 332 40.04 -10.06 11.23
C SER A 332 41.47 -9.64 11.47
N ARG A 333 42.41 -10.34 10.84
CA ARG A 333 43.78 -9.89 10.84
C ARG A 333 43.81 -8.55 10.07
N ALA A 334 43.60 -8.66 8.76
CA ALA A 334 43.98 -7.63 7.82
C ALA A 334 43.20 -6.33 7.91
N GLU A 335 43.91 -5.26 7.61
CA GLU A 335 43.28 -3.98 7.41
C GLU A 335 42.69 -3.91 6.02
N TRP A 336 41.87 -2.89 5.82
CA TRP A 336 41.05 -2.74 4.62
C TRP A 336 41.83 -2.81 3.31
N LEU A 337 42.84 -1.97 3.13
CA LEU A 337 43.57 -1.95 1.85
C LEU A 337 44.30 -3.23 1.54
N PRO A 338 45.14 -3.71 2.47
CA PRO A 338 45.81 -4.97 2.26
C PRO A 338 44.83 -6.12 2.00
N ALA A 339 43.66 -6.10 2.64
CA ALA A 339 42.66 -7.17 2.45
C ALA A 339 42.14 -7.16 1.02
N TRP A 340 41.90 -5.96 0.50
CA TRP A 340 41.46 -5.75 -0.88
C TRP A 340 42.51 -6.24 -1.88
N GLU A 341 43.75 -5.85 -1.64
CA GLU A 341 44.84 -6.27 -2.51
C GLU A 341 44.99 -7.78 -2.53
N GLU A 342 44.85 -8.41 -1.38
CA GLU A 342 44.93 -9.85 -1.28
C GLU A 342 43.72 -10.51 -1.94
N GLY A 343 42.53 -9.93 -1.74
CA GLY A 343 41.30 -10.44 -2.36
C GLY A 343 41.34 -10.43 -3.88
N LEU A 344 41.80 -9.30 -4.44
CA LEU A 344 41.93 -9.18 -5.91
C LEU A 344 42.94 -10.18 -6.51
N ARG A 345 44.06 -10.35 -5.84
CA ARG A 345 45.06 -11.32 -6.28
C ARG A 345 44.52 -12.77 -6.22
N ARG A 346 43.87 -13.13 -5.11
CA ARG A 346 43.27 -14.48 -5.00
C ARG A 346 42.15 -14.71 -6.02
N ALA A 347 41.33 -13.69 -6.25
CA ALA A 347 40.24 -13.82 -7.20
C ALA A 347 40.76 -13.99 -8.64
N SER A 348 41.73 -13.16 -9.01
CA SER A 348 42.35 -13.29 -10.33
C SER A 348 43.06 -14.62 -10.52
N ALA A 349 43.83 -15.03 -9.52
CA ALA A 349 44.53 -16.31 -9.59
C ALA A 349 43.56 -17.49 -9.66
N ALA A 350 42.46 -17.43 -8.91
CA ALA A 350 41.45 -18.49 -8.99
C ALA A 350 40.97 -18.68 -10.43
N ILE A 351 40.84 -17.59 -11.18
CA ILE A 351 40.46 -17.71 -12.58
C ILE A 351 41.62 -18.19 -13.45
N ASP A 352 42.74 -17.48 -13.37
CA ASP A 352 43.86 -17.67 -14.28
C ASP A 352 44.51 -19.05 -14.18
N THR A 353 44.46 -19.63 -12.98
CA THR A 353 45.01 -20.97 -12.76
C THR A 353 44.04 -22.07 -13.15
N GLY A 354 42.85 -21.70 -13.62
CA GLY A 354 41.82 -22.67 -13.98
C GLY A 354 41.04 -23.22 -12.80
N ALA A 355 41.36 -22.77 -11.57
CA ALA A 355 40.72 -23.34 -10.37
C ALA A 355 39.21 -23.14 -10.41
N ALA A 356 38.75 -21.98 -10.89
CA ALA A 356 37.31 -21.68 -10.96
C ALA A 356 36.61 -22.54 -12.00
N GLU A 357 37.19 -22.65 -13.19
CA GLU A 357 36.65 -23.56 -14.21
C GLU A 357 36.53 -24.99 -13.68
N GLN A 358 37.59 -25.43 -13.03
CA GLN A 358 37.67 -26.77 -12.49
C GLN A 358 36.62 -27.01 -11.40
N LEU A 359 36.44 -26.00 -10.53
CA LEU A 359 35.48 -26.13 -9.45
C LEU A 359 34.03 -26.26 -9.96
N LEU A 360 33.68 -25.47 -10.97
CA LEU A 360 32.37 -25.57 -11.58
C LEU A 360 32.17 -26.96 -12.19
N ALA A 361 33.18 -27.47 -12.89
CA ALA A 361 33.08 -28.82 -13.46
C ALA A 361 32.87 -29.82 -12.33
N ARG A 362 33.61 -29.67 -11.25
CA ARG A 362 33.48 -30.53 -10.10
C ARG A 362 32.06 -30.45 -9.50
N TRP A 363 31.50 -29.25 -9.49
CA TRP A 363 30.19 -29.03 -8.91
C TRP A 363 29.12 -29.71 -9.76
N VAL A 364 29.26 -29.60 -11.08
CA VAL A 364 28.36 -30.29 -11.99
C VAL A 364 28.48 -31.81 -11.81
N ARG A 365 29.70 -32.35 -11.74
CA ARG A 365 29.88 -33.81 -11.54
C ARG A 365 29.18 -34.26 -10.26
N PHE A 366 29.35 -33.48 -9.20
CA PHE A 366 28.77 -33.79 -7.90
C PHE A 366 27.25 -33.99 -8.08
N GLY A 367 26.59 -33.03 -8.74
CA GLY A 367 25.16 -33.13 -9.01
C GLY A 367 24.78 -34.39 -9.75
N ARG A 368 25.57 -34.75 -10.75
CA ARG A 368 25.30 -35.93 -11.54
C ARG A 368 25.51 -37.26 -10.81
N GLN A 369 26.33 -37.29 -9.76
CA GLN A 369 26.48 -38.49 -8.93
C GLN A 369 25.29 -38.59 -7.94
N ILE A 370 24.11 -38.94 -8.47
CA ILE A 370 22.83 -39.05 -7.72
C ILE A 370 22.37 -37.76 -7.05
N VAL B 24 1.28 0.50 -22.59
CA VAL B 24 0.52 -0.50 -21.78
C VAL B 24 0.54 -0.07 -20.31
N PRO B 25 -0.62 0.37 -19.79
CA PRO B 25 -0.69 0.49 -18.34
C PRO B 25 -0.53 -0.88 -17.71
N SER B 26 0.07 -0.96 -16.54
CA SER B 26 0.19 -2.22 -15.82
C SER B 26 0.29 -1.95 -14.34
N TRP B 27 0.08 -2.99 -13.53
CA TRP B 27 0.18 -2.83 -12.08
C TRP B 27 1.59 -2.43 -11.63
N PRO B 28 2.63 -3.12 -12.14
CA PRO B 28 3.98 -2.70 -11.74
C PRO B 28 4.28 -1.24 -12.07
N GLN B 29 3.87 -0.80 -13.25
CA GLN B 29 4.12 0.56 -13.67
C GLN B 29 3.38 1.57 -12.76
N ILE B 30 2.10 1.33 -12.55
CA ILE B 30 1.26 2.23 -11.73
C ILE B 30 1.67 2.21 -10.25
N LEU B 31 1.86 1.02 -9.68
CA LEU B 31 2.25 0.93 -8.26
C LEU B 31 3.66 1.48 -8.01
N GLY B 32 4.58 1.22 -8.95
CA GLY B 32 5.95 1.77 -8.87
C GLY B 32 5.94 3.29 -8.87
N ARG B 33 5.09 3.87 -9.70
CA ARG B 33 4.94 5.32 -9.72
C ARG B 33 4.46 5.85 -8.38
N LEU B 34 3.44 5.21 -7.82
CA LEU B 34 2.93 5.65 -6.53
C LEU B 34 3.93 5.45 -5.41
N THR B 35 4.61 4.31 -5.40
CA THR B 35 5.60 4.07 -4.34
C THR B 35 6.79 5.00 -4.48
N ASP B 36 7.03 5.56 -5.67
CA ASP B 36 8.01 6.66 -5.85
C ASP B 36 7.50 8.01 -5.38
N ASN B 37 6.27 8.06 -4.87
CA ASN B 37 5.66 9.31 -4.49
C ASN B 37 5.39 10.27 -5.64
N ARG B 38 5.04 9.73 -6.79
CA ARG B 38 4.65 10.54 -7.93
C ARG B 38 3.15 10.41 -8.23
N ASP B 39 2.55 11.54 -8.58
CA ASP B 39 1.23 11.58 -9.19
C ASP B 39 1.24 10.71 -10.44
N LEU B 40 0.11 10.09 -10.71
CA LEU B 40 -0.01 9.20 -11.85
C LEU B 40 -0.11 10.00 -13.15
N ALA B 41 0.18 9.38 -14.30
CA ALA B 41 -0.17 10.01 -15.57
C ALA B 41 -1.69 9.97 -15.72
N ARG B 42 -2.22 10.86 -16.53
CA ARG B 42 -3.65 10.90 -16.82
C ARG B 42 -4.05 9.53 -17.37
N GLY B 43 -5.20 9.02 -16.94
CA GLY B 43 -5.71 7.74 -17.42
C GLY B 43 -5.28 6.51 -16.63
N GLN B 44 -4.21 6.62 -15.84
CA GLN B 44 -3.71 5.47 -15.08
C GLN B 44 -4.69 5.07 -13.96
N ALA B 45 -5.22 6.04 -13.22
CA ALA B 45 -6.17 5.71 -12.17
C ALA B 45 -7.41 5.12 -12.82
N ALA B 46 -7.82 5.66 -13.98
CA ALA B 46 -8.96 5.11 -14.70
C ALA B 46 -8.74 3.65 -15.11
N TRP B 47 -7.56 3.32 -15.59
CA TRP B 47 -7.23 1.92 -15.96
C TRP B 47 -7.33 1.00 -14.73
N ALA B 48 -6.74 1.44 -13.62
CA ALA B 48 -6.80 0.66 -12.39
C ALA B 48 -8.24 0.41 -11.96
N MET B 49 -9.07 1.45 -11.99
CA MET B 49 -10.46 1.30 -11.60
C MET B 49 -11.22 0.39 -12.59
N ASP B 50 -10.96 0.48 -13.90
CA ASP B 50 -11.58 -0.47 -14.85
C ASP B 50 -11.26 -1.91 -14.45
N GLN B 51 -9.98 -2.18 -14.15
CA GLN B 51 -9.57 -3.52 -13.73
C GLN B 51 -10.38 -3.99 -12.51
N ILE B 52 -10.47 -3.11 -11.52
CA ILE B 52 -11.14 -3.40 -10.26
C ILE B 52 -12.63 -3.67 -10.45
N MET B 53 -13.28 -2.85 -11.28
CA MET B 53 -14.73 -2.94 -11.49
C MET B 53 -15.10 -4.08 -12.44
N THR B 54 -14.16 -4.59 -13.24
CA THR B 54 -14.46 -5.74 -14.11
C THR B 54 -14.16 -7.11 -13.46
N GLY B 55 -13.63 -7.12 -12.25
CA GLY B 55 -13.24 -8.39 -11.62
C GLY B 55 -11.88 -8.89 -12.06
N ASN B 56 -11.13 -8.07 -12.81
CA ASN B 56 -9.82 -8.44 -13.29
C ASN B 56 -8.64 -8.13 -12.38
N ALA B 57 -8.86 -7.36 -11.32
CA ALA B 57 -7.80 -7.03 -10.40
C ALA B 57 -7.79 -8.10 -9.31
N ARG B 58 -6.64 -8.66 -9.00
CA ARG B 58 -6.55 -9.61 -7.88
C ARG B 58 -6.68 -8.82 -6.57
N PRO B 59 -7.19 -9.46 -5.50
CA PRO B 59 -7.27 -8.79 -4.21
C PRO B 59 -5.97 -8.07 -3.78
N ALA B 60 -4.81 -8.71 -4.01
CA ALA B 60 -3.50 -8.08 -3.72
C ALA B 60 -3.25 -6.80 -4.50
N GLN B 61 -3.67 -6.80 -5.77
CA GLN B 61 -3.52 -5.63 -6.62
C GLN B 61 -4.43 -4.52 -6.17
N ILE B 62 -5.66 -4.85 -5.85
CA ILE B 62 -6.60 -3.86 -5.33
C ILE B 62 -6.04 -3.20 -4.07
N ALA B 63 -5.58 -4.01 -3.12
CA ALA B 63 -5.10 -3.50 -1.84
C ALA B 63 -3.80 -2.69 -1.99
N ALA B 64 -2.90 -3.16 -2.84
CA ALA B 64 -1.66 -2.43 -3.07
C ALA B 64 -1.98 -1.05 -3.62
N PHE B 65 -2.92 -0.99 -4.56
CA PHE B 65 -3.35 0.27 -5.17
C PHE B 65 -4.04 1.18 -4.16
N ALA B 66 -5.00 0.67 -3.41
CA ALA B 66 -5.69 1.49 -2.42
C ALA B 66 -4.70 2.12 -1.44
N VAL B 67 -3.77 1.30 -0.94
CA VAL B 67 -2.80 1.78 0.03
C VAL B 67 -1.82 2.74 -0.61
N ALA B 68 -1.29 2.39 -1.78
CA ALA B 68 -0.28 3.24 -2.41
C ALA B 68 -0.84 4.62 -2.77
N MET B 69 -2.06 4.66 -3.29
CA MET B 69 -2.72 5.95 -3.56
C MET B 69 -2.95 6.77 -2.31
N THR B 70 -3.22 6.12 -1.19
CA THR B 70 -3.44 6.85 0.07
C THR B 70 -2.14 7.50 0.56
N MET B 71 -1.06 6.73 0.60
CA MET B 71 0.20 7.22 1.13
C MET B 71 0.92 8.23 0.22
N LYS B 72 0.73 8.13 -1.08
CA LYS B 72 1.24 9.16 -2.00
C LYS B 72 0.47 10.47 -1.81
N ALA B 73 -0.84 10.38 -1.62
CA ALA B 73 -1.73 11.54 -1.43
C ALA B 73 -2.41 11.77 -2.77
N PRO B 74 -3.68 11.35 -2.85
CA PRO B 74 -4.38 11.36 -4.11
C PRO B 74 -4.68 12.79 -4.58
N THR B 75 -4.75 12.99 -5.88
CA THR B 75 -5.17 14.29 -6.41
C THR B 75 -6.60 14.21 -6.89
N ALA B 76 -7.23 15.38 -7.01
CA ALA B 76 -8.60 15.52 -7.52
C ALA B 76 -8.79 14.85 -8.86
N ASP B 77 -7.81 15.01 -9.75
CA ASP B 77 -7.87 14.35 -11.04
C ASP B 77 -7.86 12.83 -10.92
N GLU B 78 -7.03 12.29 -10.04
CA GLU B 78 -6.97 10.83 -9.87
C GLU B 78 -8.31 10.33 -9.32
N VAL B 79 -8.80 10.96 -8.27
CA VAL B 79 -10.05 10.55 -7.65
C VAL B 79 -11.22 10.74 -8.62
N GLY B 80 -11.17 11.76 -9.46
CA GLY B 80 -12.20 11.97 -10.49
C GLY B 80 -12.23 10.81 -11.47
N GLU B 81 -11.05 10.27 -11.79
CA GLU B 81 -10.97 9.11 -12.67
C GLU B 81 -11.57 7.87 -12.00
N LEU B 82 -11.23 7.65 -10.74
CA LEU B 82 -11.78 6.51 -9.99
C LEU B 82 -13.29 6.61 -9.94
N ALA B 83 -13.79 7.80 -9.59
CA ALA B 83 -15.24 7.97 -9.41
C ALA B 83 -16.00 7.87 -10.73
N GLY B 84 -15.45 8.49 -11.78
CA GLY B 84 -16.09 8.42 -13.10
C GLY B 84 -16.22 7.01 -13.65
N VAL B 85 -15.16 6.21 -13.52
CA VAL B 85 -15.24 4.83 -13.97
C VAL B 85 -16.25 4.06 -13.10
N MET B 86 -16.26 4.31 -11.80
CA MET B 86 -17.20 3.63 -10.91
C MET B 86 -18.64 3.95 -11.31
N LEU B 87 -18.93 5.23 -11.54
CA LEU B 87 -20.26 5.67 -11.98
C LEU B 87 -20.68 5.02 -13.28
N SER B 88 -19.74 4.84 -14.21
CA SER B 88 -20.06 4.21 -15.50
C SER B 88 -20.54 2.75 -15.33
N HIS B 89 -20.18 2.09 -14.23
CA HIS B 89 -20.67 0.74 -13.98
C HIS B 89 -21.91 0.69 -13.10
N ALA B 90 -22.34 1.83 -12.56
CA ALA B 90 -23.50 1.85 -11.65
C ALA B 90 -24.83 1.80 -12.40
N HIS B 91 -25.87 1.26 -11.76
CA HIS B 91 -27.21 1.37 -12.30
C HIS B 91 -27.67 2.81 -12.14
N PRO B 92 -28.13 3.45 -13.22
CA PRO B 92 -28.63 4.81 -13.09
C PRO B 92 -30.12 4.81 -12.75
N LEU B 93 -30.63 5.93 -12.28
CA LEU B 93 -32.07 6.11 -12.18
C LEU B 93 -32.60 6.27 -13.60
N PRO B 94 -33.89 6.02 -13.80
CA PRO B 94 -34.46 6.20 -15.15
C PRO B 94 -34.40 7.66 -15.62
N ALA B 95 -34.34 7.85 -16.94
CA ALA B 95 -34.28 9.18 -17.53
C ALA B 95 -35.38 10.12 -17.01
N ASP B 96 -35.00 11.36 -16.66
CA ASP B 96 -35.93 12.43 -16.28
C ASP B 96 -36.65 12.25 -14.96
N THR B 97 -36.05 11.50 -14.03
CA THR B 97 -36.70 11.22 -12.75
C THR B 97 -36.02 11.88 -11.56
N VAL B 98 -34.80 12.38 -11.73
CA VAL B 98 -34.14 13.10 -10.65
C VAL B 98 -34.32 14.58 -10.91
N PRO B 99 -34.86 15.33 -9.95
CA PRO B 99 -35.00 16.76 -10.22
C PRO B 99 -33.65 17.42 -10.45
N ASP B 100 -33.67 18.41 -11.32
CA ASP B 100 -32.49 19.21 -11.62
C ASP B 100 -31.74 19.72 -10.38
N ASP B 101 -32.49 19.98 -9.31
CA ASP B 101 -31.95 20.63 -8.14
C ASP B 101 -31.91 19.70 -6.93
N ALA B 102 -31.76 18.41 -7.15
CA ALA B 102 -31.67 17.47 -6.01
C ALA B 102 -30.38 17.63 -5.24
N VAL B 103 -30.42 17.25 -3.97
CA VAL B 103 -29.26 17.40 -3.09
C VAL B 103 -29.00 16.07 -2.38
N ASP B 104 -27.74 15.89 -1.98
CA ASP B 104 -27.32 14.75 -1.19
C ASP B 104 -26.85 15.30 0.14
N VAL B 105 -26.98 14.49 1.18
CA VAL B 105 -26.43 14.82 2.48
C VAL B 105 -25.78 13.54 2.95
N VAL B 106 -24.46 13.51 2.95
CA VAL B 106 -23.72 12.26 3.13
C VAL B 106 -22.28 12.54 3.50
N GLY B 107 -21.68 11.66 4.28
CA GLY B 107 -20.25 11.76 4.57
C GLY B 107 -19.47 10.49 4.31
N THR B 108 -18.16 10.60 4.45
CA THR B 108 -17.27 9.46 4.30
C THR B 108 -17.44 8.48 5.44
N GLY B 109 -18.02 8.93 6.56
CA GLY B 109 -17.98 8.15 7.80
C GLY B 109 -16.54 8.07 8.27
N GLY B 110 -16.28 7.16 9.20
CA GLY B 110 -14.94 6.92 9.70
C GLY B 110 -14.39 7.97 10.65
N ASP B 111 -15.25 8.79 11.24
CA ASP B 111 -14.81 9.79 12.22
C ASP B 111 -14.52 9.16 13.60
N GLY B 112 -14.93 7.90 13.78
CA GLY B 112 -14.57 7.12 14.96
C GLY B 112 -15.38 7.45 16.20
N VAL B 113 -16.35 8.34 16.07
CA VAL B 113 -17.06 8.89 17.23
C VAL B 113 -18.40 8.21 17.50
N ASN B 114 -18.91 7.43 16.56
CA ASN B 114 -20.22 6.79 16.71
C ASN B 114 -21.29 7.80 17.19
N THR B 115 -21.67 8.70 16.30
CA THR B 115 -22.73 9.63 16.63
C THR B 115 -24.07 9.09 16.16
N VAL B 116 -25.08 9.75 16.66
CA VAL B 116 -26.41 9.70 16.11
C VAL B 116 -26.32 10.04 14.61
N ASN B 117 -27.30 9.60 13.82
CA ASN B 117 -27.21 9.70 12.36
C ASN B 117 -27.57 11.11 11.87
N LEU B 118 -26.59 12.00 11.97
CA LEU B 118 -26.85 13.40 11.72
C LEU B 118 -27.20 13.67 10.28
N SER B 119 -26.49 13.03 9.34
CA SER B 119 -26.75 13.28 7.93
C SER B 119 -28.15 12.81 7.54
N THR B 120 -28.58 11.70 8.11
CA THR B 120 -29.86 11.09 7.80
C THR B 120 -31.02 11.96 8.33
N MET B 121 -30.88 12.43 9.56
CA MET B 121 -31.86 13.33 10.13
C MET B 121 -31.96 14.63 9.35
N ALA B 122 -30.81 15.19 8.98
CA ALA B 122 -30.77 16.39 8.20
C ALA B 122 -31.42 16.17 6.87
N ALA B 123 -31.17 15.00 6.25
CA ALA B 123 -31.77 14.71 4.94
C ALA B 123 -33.28 14.78 4.98
N ILE B 124 -33.86 14.24 6.05
CA ILE B 124 -35.32 14.22 6.22
C ILE B 124 -35.89 15.64 6.38
N VAL B 125 -35.19 16.47 7.15
CA VAL B 125 -35.60 17.86 7.38
C VAL B 125 -35.46 18.69 6.11
N VAL B 126 -34.36 18.50 5.41
CA VAL B 126 -34.12 19.16 4.13
C VAL B 126 -35.24 18.84 3.14
N ALA B 127 -35.57 17.57 3.00
CA ALA B 127 -36.64 17.18 2.08
C ALA B 127 -37.95 17.78 2.53
N ALA B 128 -38.15 17.89 3.85
CA ALA B 128 -39.41 18.41 4.38
C ALA B 128 -39.49 19.91 4.13
N ALA B 129 -38.34 20.56 3.99
CA ALA B 129 -38.29 21.99 3.68
C ALA B 129 -38.53 22.26 2.18
N GLY B 130 -38.72 21.21 1.39
CA GLY B 130 -39.09 21.33 -0.02
C GLY B 130 -37.92 21.12 -0.98
N VAL B 131 -36.77 20.69 -0.50
CA VAL B 131 -35.62 20.45 -1.36
C VAL B 131 -35.56 18.96 -1.63
N PRO B 132 -35.58 18.53 -2.90
CA PRO B 132 -35.55 17.11 -3.12
C PRO B 132 -34.21 16.52 -2.72
N VAL B 133 -34.25 15.39 -2.03
CA VAL B 133 -33.07 14.75 -1.54
C VAL B 133 -33.01 13.35 -2.13
N VAL B 134 -31.89 13.02 -2.73
CA VAL B 134 -31.63 11.62 -3.02
C VAL B 134 -30.35 11.23 -2.31
N LYS B 135 -30.51 10.39 -1.31
CA LYS B 135 -29.43 10.04 -0.44
C LYS B 135 -28.78 8.74 -0.90
N HIS B 136 -27.45 8.75 -0.88
CA HIS B 136 -26.66 7.60 -1.21
C HIS B 136 -26.16 7.17 0.14
N GLY B 137 -26.14 5.88 0.35
CA GLY B 137 -25.79 5.40 1.66
C GLY B 137 -25.59 3.92 1.75
N ASN B 138 -25.22 3.53 2.96
CA ASN B 138 -24.87 2.16 3.23
C ASN B 138 -25.06 1.85 4.71
N ARG B 139 -24.99 0.56 5.04
CA ARG B 139 -24.91 0.12 6.42
C ARG B 139 -23.63 0.66 7.10
N ALA B 140 -23.44 0.33 8.37
CA ALA B 140 -22.26 0.77 9.13
C ALA B 140 -20.88 0.12 8.79
N ALA B 141 -20.79 -1.17 8.42
CA ALA B 141 -21.90 -2.07 8.15
C ALA B 141 -22.31 -2.86 9.38
CA SER B 143 -21.64 -1.15 13.88
C SER B 143 -21.21 0.33 14.02
N LEU B 144 -21.85 1.08 14.92
CA LEU B 144 -23.02 0.60 15.68
C LEU B 144 -24.25 0.59 14.77
N SER B 145 -24.58 1.75 14.21
CA SER B 145 -25.76 1.88 13.34
C SER B 145 -25.61 3.01 12.31
N GLY B 146 -25.41 2.63 11.06
CA GLY B 146 -25.29 3.58 9.96
C GLY B 146 -26.65 4.09 9.53
N GLY B 147 -26.63 5.05 8.60
CA GLY B 147 -27.85 5.66 8.12
C GLY B 147 -28.85 4.65 7.64
N ALA B 148 -28.36 3.73 6.82
CA ALA B 148 -29.18 2.68 6.26
C ALA B 148 -29.82 1.83 7.35
N ASP B 149 -29.06 1.50 8.38
CA ASP B 149 -29.56 0.65 9.48
C ASP B 149 -30.67 1.35 10.26
N THR B 150 -30.47 2.64 10.51
CA THR B 150 -31.45 3.43 11.28
C THR B 150 -32.75 3.60 10.50
N LEU B 151 -32.63 3.85 9.20
CA LEU B 151 -33.80 3.99 8.33
C LEU B 151 -34.62 2.72 8.37
N GLU B 152 -33.90 1.61 8.28
CA GLU B 152 -34.51 0.30 8.37
C GLU B 152 -35.26 0.12 9.70
N ALA B 153 -34.62 0.46 10.81
CA ALA B 153 -35.32 0.39 12.12
C ALA B 153 -36.53 1.32 12.21
N LEU B 154 -36.52 2.41 11.45
CA LEU B 154 -37.67 3.31 11.37
C LEU B 154 -38.76 2.78 10.46
N GLY B 155 -38.46 1.73 9.72
CA GLY B 155 -39.46 1.10 8.85
C GLY B 155 -39.40 1.57 7.41
N VAL B 156 -38.35 2.30 7.07
CA VAL B 156 -38.10 2.70 5.70
C VAL B 156 -37.43 1.55 4.92
N ARG B 157 -37.91 1.29 3.71
CA ARG B 157 -37.31 0.27 2.84
C ARG B 157 -36.10 0.87 2.12
N ILE B 158 -34.93 0.35 2.43
CA ILE B 158 -33.68 0.90 1.93
C ILE B 158 -33.20 0.19 0.66
N ASP B 159 -33.83 -0.93 0.36
CA ASP B 159 -33.40 -1.91 -0.63
C ASP B 159 -34.15 -1.79 -1.96
N LEU B 160 -34.33 -0.59 -2.49
CA LEU B 160 -35.19 -0.42 -3.66
C LEU B 160 -34.37 -0.18 -4.91
N GLY B 161 -34.86 -0.71 -6.03
CA GLY B 161 -34.20 -0.47 -7.31
C GLY B 161 -34.50 0.90 -7.87
N PRO B 162 -33.86 1.24 -9.00
CA PRO B 162 -33.94 2.54 -9.65
C PRO B 162 -35.35 3.07 -9.84
N ASP B 163 -36.25 2.26 -10.39
CA ASP B 163 -37.61 2.71 -10.68
C ASP B 163 -38.33 3.15 -9.41
N LEU B 164 -38.17 2.38 -8.34
CA LEU B 164 -38.82 2.71 -7.07
C LEU B 164 -38.16 3.88 -6.33
N VAL B 165 -36.83 4.03 -6.43
CA VAL B 165 -36.21 5.22 -5.84
C VAL B 165 -36.75 6.47 -6.56
N ALA B 166 -36.84 6.40 -7.88
CA ALA B 166 -37.38 7.51 -8.66
C ALA B 166 -38.80 7.83 -8.20
N ARG B 167 -39.62 6.80 -8.07
CA ARG B 167 -41.00 6.98 -7.60
C ARG B 167 -41.05 7.58 -6.21
N SER B 168 -40.21 7.08 -5.31
CA SER B 168 -40.15 7.64 -3.96
C SER B 168 -39.82 9.14 -4.02
N LEU B 169 -38.82 9.46 -4.82
CA LEU B 169 -38.42 10.85 -5.00
C LEU B 169 -39.58 11.73 -5.49
N ALA B 170 -40.33 11.24 -6.47
CA ALA B 170 -41.45 11.98 -7.01
C ALA B 170 -42.60 12.09 -6.00
N GLU B 171 -42.85 11.02 -5.26
CA GLU B 171 -44.05 10.98 -4.43
C GLU B 171 -43.82 11.46 -3.01
N VAL B 172 -42.66 11.20 -2.43
CA VAL B 172 -42.39 11.55 -1.05
C VAL B 172 -41.48 12.81 -0.92
N GLY B 173 -40.62 13.05 -1.91
CA GLY B 173 -39.64 14.14 -1.88
C GLY B 173 -38.23 13.71 -1.48
N ILE B 174 -38.02 12.41 -1.31
CA ILE B 174 -36.76 11.85 -0.86
C ILE B 174 -36.67 10.41 -1.37
N GLY B 175 -35.45 9.97 -1.65
CA GLY B 175 -35.17 8.61 -2.03
C GLY B 175 -33.86 8.16 -1.40
N PHE B 176 -33.64 6.87 -1.37
CA PHE B 176 -32.40 6.34 -0.83
C PHE B 176 -31.88 5.30 -1.80
N CYS B 177 -30.68 5.54 -2.32
CA CYS B 177 -29.96 4.56 -3.15
C CYS B 177 -29.02 3.73 -2.28
N PHE B 178 -29.35 2.45 -2.12
CA PHE B 178 -28.54 1.52 -1.32
C PHE B 178 -27.32 1.11 -2.12
N ALA B 179 -26.14 1.47 -1.61
CA ALA B 179 -24.91 1.30 -2.39
C ALA B 179 -24.72 -0.10 -3.00
N PRO B 180 -24.90 -1.18 -2.22
CA PRO B 180 -24.71 -2.50 -2.86
C PRO B 180 -25.73 -2.82 -3.95
N ARG B 181 -26.90 -2.19 -3.91
CA ARG B 181 -27.91 -2.39 -4.95
C ARG B 181 -27.46 -1.70 -6.26
N PHE B 182 -26.89 -0.51 -6.15
CA PHE B 182 -26.55 0.32 -7.32
C PHE B 182 -25.15 0.14 -7.90
N HIS B 183 -24.24 -0.36 -7.09
CA HIS B 183 -22.86 -0.57 -7.46
C HIS B 183 -22.42 -2.03 -7.31
N PRO B 184 -23.13 -2.95 -7.95
CA PRO B 184 -22.77 -4.35 -7.71
C PRO B 184 -21.34 -4.73 -8.12
N SER B 185 -20.78 -4.06 -9.12
CA SER B 185 -19.45 -4.40 -9.61
C SER B 185 -18.33 -3.91 -8.69
N TYR B 186 -18.67 -3.18 -7.62
CA TYR B 186 -17.73 -2.68 -6.63
C TYR B 186 -17.45 -3.73 -5.55
N ARG B 187 -18.11 -4.87 -5.62
CA ARG B 187 -18.00 -5.89 -4.59
C ARG B 187 -16.57 -6.40 -4.35
N HIS B 188 -15.72 -6.41 -5.36
CA HIS B 188 -14.34 -6.85 -5.17
C HIS B 188 -13.58 -5.82 -4.36
N ALA B 189 -13.78 -4.54 -4.67
CA ALA B 189 -13.18 -3.49 -3.90
C ALA B 189 -13.69 -3.49 -2.44
N ALA B 190 -15.00 -3.62 -2.27
CA ALA B 190 -15.59 -3.55 -0.93
C ALA B 190 -15.06 -4.68 -0.04
N ALA B 191 -14.91 -5.88 -0.58
CA ALA B 191 -14.37 -7.01 0.19
C ALA B 191 -12.92 -6.73 0.62
N VAL B 192 -12.14 -6.14 -0.27
CA VAL B 192 -10.76 -5.80 0.09
C VAL B 192 -10.75 -4.72 1.18
N ARG B 193 -11.61 -3.72 1.07
CA ARG B 193 -11.69 -2.65 2.08
C ARG B 193 -11.90 -3.24 3.47
N ARG B 194 -12.81 -4.20 3.56
CA ARG B 194 -13.11 -4.88 4.81
C ARG B 194 -11.95 -5.76 5.28
N GLU B 195 -11.25 -6.39 4.37
CA GLU B 195 -10.13 -7.21 4.73
C GLU B 195 -8.98 -6.40 5.37
N ILE B 196 -8.69 -5.22 4.83
CA ILE B 196 -7.56 -4.46 5.33
C ILE B 196 -7.94 -3.52 6.46
N GLY B 197 -9.20 -3.13 6.51
CA GLY B 197 -9.73 -2.35 7.62
C GLY B 197 -9.32 -0.89 7.60
N VAL B 198 -8.11 -0.61 7.14
CA VAL B 198 -7.55 0.74 7.23
C VAL B 198 -8.25 1.66 6.19
N PRO B 199 -8.50 2.93 6.57
CA PRO B 199 -9.07 3.90 5.64
C PRO B 199 -8.14 4.20 4.47
N THR B 200 -8.69 4.27 3.27
CA THR B 200 -7.94 4.59 2.07
C THR B 200 -8.71 5.61 1.25
N VAL B 201 -8.11 5.97 0.12
CA VAL B 201 -8.76 6.80 -0.87
C VAL B 201 -10.15 6.24 -1.28
N PHE B 202 -10.33 4.93 -1.18
CA PHE B 202 -11.62 4.36 -1.50
C PHE B 202 -12.75 4.84 -0.58
N ASN B 203 -12.40 5.21 0.66
CA ASN B 203 -13.38 5.78 1.56
C ASN B 203 -13.98 7.08 1.07
N LEU B 204 -13.35 7.75 0.10
CA LEU B 204 -13.91 8.94 -0.51
C LEU B 204 -15.00 8.65 -1.55
N LEU B 205 -15.07 7.44 -2.05
CA LEU B 205 -15.87 7.22 -3.27
C LEU B 205 -17.38 7.27 -3.07
N GLY B 206 -17.88 6.92 -1.89
CA GLY B 206 -19.33 6.88 -1.63
C GLY B 206 -20.03 8.20 -1.98
N PRO B 207 -19.62 9.29 -1.33
CA PRO B 207 -20.17 10.61 -1.62
C PRO B 207 -20.00 11.05 -3.07
N LEU B 208 -18.97 10.56 -3.75
CA LEU B 208 -18.70 10.93 -5.15
C LEU B 208 -19.38 10.05 -6.20
N THR B 209 -20.12 9.03 -5.78
CA THR B 209 -20.68 8.07 -6.75
C THR B 209 -22.18 7.80 -6.53
N ASN B 210 -22.87 8.80 -6.01
CA ASN B 210 -24.30 8.74 -5.86
C ASN B 210 -24.87 8.50 -7.24
N PRO B 211 -25.62 7.39 -7.41
CA PRO B 211 -26.05 7.01 -8.77
C PRO B 211 -27.08 7.94 -9.37
N ALA B 212 -27.73 8.74 -8.52
CA ALA B 212 -28.67 9.74 -8.98
C ALA B 212 -28.00 11.02 -9.46
N ARG B 213 -26.71 11.19 -9.22
CA ARG B 213 -25.96 12.38 -9.67
C ARG B 213 -26.57 13.71 -9.25
N PRO B 214 -26.99 13.84 -7.98
CA PRO B 214 -27.47 15.18 -7.64
C PRO B 214 -26.36 16.21 -7.84
N ARG B 215 -26.71 17.45 -8.11
CA ARG B 215 -25.71 18.45 -8.45
C ARG B 215 -25.35 19.33 -7.27
N ALA B 216 -26.00 19.08 -6.14
CA ALA B 216 -25.68 19.79 -4.93
C ALA B 216 -25.59 18.85 -3.77
N GLY B 217 -24.89 19.28 -2.74
CA GLY B 217 -24.66 18.38 -1.62
C GLY B 217 -24.05 19.04 -0.41
N LEU B 218 -24.33 18.47 0.76
CA LEU B 218 -23.54 18.73 1.95
C LEU B 218 -22.78 17.44 2.22
N ILE B 219 -21.46 17.49 2.06
CA ILE B 219 -20.62 16.31 2.08
C ILE B 219 -19.60 16.36 3.23
N GLY B 220 -19.72 15.45 4.18
CA GLY B 220 -18.84 15.43 5.33
C GLY B 220 -17.60 14.62 5.02
N CYS B 221 -16.46 15.06 5.52
CA CYS B 221 -15.23 14.29 5.34
C CYS B 221 -14.52 14.17 6.68
N ALA B 222 -14.29 12.93 7.11
CA ALA B 222 -13.65 12.64 8.39
C ALA B 222 -12.14 12.83 8.33
N PHE B 223 -11.58 12.95 7.13
CA PHE B 223 -10.13 13.02 6.93
C PHE B 223 -9.78 14.40 6.43
N ALA B 224 -9.29 15.24 7.34
CA ALA B 224 -9.05 16.65 7.03
C ALA B 224 -8.15 16.87 5.82
N ASP B 225 -7.18 15.98 5.60
CA ASP B 225 -6.23 16.15 4.50
C ASP B 225 -6.84 15.83 3.13
N LEU B 226 -8.01 15.17 3.11
CA LEU B 226 -8.63 14.74 1.85
C LEU B 226 -9.87 15.53 1.48
N ALA B 227 -10.35 16.39 2.37
CA ALA B 227 -11.57 17.13 2.12
C ALA B 227 -11.40 18.05 0.90
N GLU B 228 -10.19 18.57 0.74
CA GLU B 228 -9.88 19.46 -0.37
C GLU B 228 -9.89 18.70 -1.70
N VAL B 229 -9.45 17.44 -1.68
CA VAL B 229 -9.46 16.66 -2.90
C VAL B 229 -10.93 16.38 -3.30
N MET B 230 -11.77 16.02 -2.33
CA MET B 230 -13.20 15.80 -2.61
C MET B 230 -13.81 17.03 -3.22
N ALA B 231 -13.52 18.19 -2.63
CA ALA B 231 -13.97 19.46 -3.17
C ALA B 231 -13.58 19.67 -4.62
N GLY B 232 -12.33 19.33 -4.93
CA GLY B 232 -11.82 19.53 -6.30
C GLY B 232 -12.59 18.69 -7.28
N VAL B 233 -12.94 17.47 -6.88
CA VAL B 233 -13.71 16.59 -7.77
C VAL B 233 -15.09 17.21 -8.00
N PHE B 234 -15.77 17.63 -6.94
CA PHE B 234 -17.02 18.39 -7.13
C PHE B 234 -16.88 19.65 -8.00
N ALA B 235 -15.77 20.36 -7.86
CA ALA B 235 -15.53 21.56 -8.65
C ALA B 235 -15.43 21.23 -10.13
N ALA B 236 -14.65 20.19 -10.46
CA ALA B 236 -14.53 19.73 -11.85
C ALA B 236 -15.91 19.40 -12.45
N ARG B 237 -16.84 18.99 -11.60
CA ARG B 237 -18.20 18.70 -12.04
C ARG B 237 -19.13 19.92 -12.08
N ARG B 238 -18.68 21.05 -11.55
CA ARG B 238 -19.54 22.23 -11.40
C ARG B 238 -20.75 21.98 -10.50
N SER B 239 -20.54 21.19 -9.45
CA SER B 239 -21.56 20.96 -8.45
C SER B 239 -21.59 22.13 -7.47
N SER B 240 -22.72 22.34 -6.81
CA SER B 240 -22.78 23.28 -5.70
C SER B 240 -22.74 22.48 -4.42
N VAL B 241 -21.58 22.47 -3.78
CA VAL B 241 -21.39 21.62 -2.63
C VAL B 241 -20.66 22.36 -1.50
N LEU B 242 -20.99 22.00 -0.28
CA LEU B 242 -20.17 22.32 0.88
C LEU B 242 -19.55 21.04 1.36
N VAL B 243 -18.23 20.97 1.36
CA VAL B 243 -17.52 19.82 1.89
C VAL B 243 -17.08 20.25 3.27
N VAL B 244 -17.44 19.46 4.29
CA VAL B 244 -17.28 19.90 5.67
C VAL B 244 -16.52 18.91 6.53
N HIS B 245 -15.74 19.46 7.44
CA HIS B 245 -15.02 18.68 8.44
C HIS B 245 -15.09 19.48 9.75
N GLY B 246 -15.74 18.92 10.75
CA GLY B 246 -15.74 19.51 12.09
C GLY B 246 -14.31 19.50 12.62
N ASP B 247 -13.91 20.57 13.28
CA ASP B 247 -12.53 20.66 13.79
C ASP B 247 -12.32 19.78 15.02
N ASP B 248 -13.40 19.13 15.45
CA ASP B 248 -13.38 18.04 16.43
C ASP B 248 -13.28 16.65 15.76
N GLY B 249 -13.10 16.62 14.44
CA GLY B 249 -12.98 15.36 13.70
C GLY B 249 -14.25 14.81 13.07
N LEU B 250 -15.41 15.40 13.36
CA LEU B 250 -16.67 14.89 12.81
C LEU B 250 -16.76 15.04 11.28
N ASP B 251 -17.37 14.08 10.61
CA ASP B 251 -17.67 14.19 9.18
C ASP B 251 -19.03 14.87 8.99
N GLU B 252 -19.28 15.90 9.80
CA GLU B 252 -20.50 16.69 9.74
C GLU B 252 -20.15 18.09 10.21
N LEU B 253 -21.08 19.03 10.03
CA LEU B 253 -20.94 20.31 10.71
C LEU B 253 -21.22 20.01 12.15
N THR B 254 -20.27 20.39 13.01
CA THR B 254 -20.39 20.14 14.45
C THR B 254 -20.90 21.35 15.25
N THR B 255 -21.38 21.08 16.46
CA THR B 255 -21.74 22.13 17.39
C THR B 255 -20.79 22.21 18.58
N THR B 256 -19.80 21.33 18.62
CA THR B 256 -18.84 21.30 19.73
C THR B 256 -17.68 22.25 19.51
N THR B 257 -17.55 22.78 18.29
CA THR B 257 -16.46 23.71 17.98
C THR B 257 -16.61 24.22 16.55
N THR B 258 -15.53 24.79 15.99
CA THR B 258 -15.57 25.30 14.63
C THR B 258 -15.54 24.15 13.63
N SER B 259 -15.84 24.47 12.38
CA SER B 259 -15.71 23.51 11.28
C SER B 259 -14.96 24.14 10.13
N THR B 260 -14.26 23.31 9.38
CA THR B 260 -13.68 23.74 8.12
C THR B 260 -14.65 23.39 6.99
N ILE B 261 -14.90 24.37 6.12
CA ILE B 261 -15.77 24.20 4.98
C ILE B 261 -15.04 24.59 3.69
N TRP B 262 -14.98 23.65 2.76
CA TRP B 262 -14.57 23.96 1.41
C TRP B 262 -15.85 24.16 0.65
N ARG B 263 -16.10 25.41 0.29
CA ARG B 263 -17.27 25.78 -0.48
C ARG B 263 -16.98 25.64 -1.99
N VAL B 264 -17.78 24.84 -2.68
CA VAL B 264 -17.62 24.63 -4.11
C VAL B 264 -18.78 25.29 -4.83
N ALA B 265 -18.45 26.25 -5.69
CA ALA B 265 -19.43 26.93 -6.53
C ALA B 265 -18.74 27.58 -7.72
N ALA B 266 -19.42 27.58 -8.87
CA ALA B 266 -18.84 28.15 -10.09
C ALA B 266 -17.53 27.46 -10.45
N GLY B 267 -17.47 26.14 -10.26
CA GLY B 267 -16.28 25.35 -10.58
C GLY B 267 -15.01 25.73 -9.82
N SER B 268 -15.16 26.43 -8.69
CA SER B 268 -14.03 26.81 -7.85
C SER B 268 -14.30 26.54 -6.35
N VAL B 269 -13.20 26.41 -5.61
CA VAL B 269 -13.18 26.05 -4.21
C VAL B 269 -12.56 27.19 -3.40
N ASP B 270 -13.17 27.57 -2.30
CA ASP B 270 -12.44 28.33 -1.28
C ASP B 270 -12.71 27.80 0.12
N LYS B 271 -11.66 27.81 0.93
CA LYS B 271 -11.68 27.24 2.26
C LYS B 271 -12.12 28.33 3.26
N LEU B 272 -12.98 27.92 4.21
CA LEU B 272 -13.58 28.81 5.22
C LEU B 272 -13.56 28.11 6.57
N THR B 273 -13.45 28.91 7.63
CA THR B 273 -13.63 28.42 8.98
C THR B 273 -15.01 28.87 9.40
N PHE B 274 -15.79 27.94 9.92
CA PHE B 274 -17.19 28.17 10.23
C PHE B 274 -17.42 28.08 11.72
N ASP B 275 -18.06 29.08 12.32
CA ASP B 275 -18.37 29.04 13.75
C ASP B 275 -19.87 29.22 14.00
N PRO B 276 -20.53 28.15 14.46
CA PRO B 276 -21.97 28.21 14.67
C PRO B 276 -22.40 29.15 15.82
N ALA B 277 -21.48 29.40 16.75
CA ALA B 277 -21.69 30.40 17.80
C ALA B 277 -22.20 31.69 17.19
N GLY B 278 -21.68 32.09 16.04
CA GLY B 278 -22.20 33.26 15.33
C GLY B 278 -23.67 33.24 14.91
N PHE B 279 -24.36 32.10 15.00
CA PHE B 279 -25.82 32.08 14.78
C PHE B 279 -26.56 31.81 16.05
N GLY B 280 -25.83 31.85 17.18
CA GLY B 280 -26.43 31.69 18.48
C GLY B 280 -26.47 30.28 19.03
N PHE B 281 -25.71 29.36 18.43
CA PHE B 281 -25.66 27.98 18.94
C PHE B 281 -24.66 27.88 20.10
N ALA B 282 -25.13 27.40 21.25
CA ALA B 282 -24.23 27.05 22.34
C ALA B 282 -23.28 25.91 21.96
N ARG B 283 -22.13 25.86 22.62
CA ARG B 283 -21.18 24.79 22.40
C ARG B 283 -21.74 23.55 23.05
N ALA B 284 -21.68 22.43 22.36
CA ALA B 284 -22.09 21.17 22.94
C ALA B 284 -20.85 20.33 23.22
N GLN B 285 -21.05 19.19 23.86
CA GLN B 285 -19.98 18.20 24.06
C GLN B 285 -20.27 17.02 23.14
N LEU B 286 -19.22 16.32 22.73
CA LEU B 286 -19.34 15.16 21.86
C LEU B 286 -20.34 14.15 22.37
N ASP B 287 -20.20 13.79 23.64
CA ASP B 287 -21.05 12.76 24.24
C ASP B 287 -22.55 13.09 24.14
N GLN B 288 -22.90 14.36 24.03
CA GLN B 288 -24.31 14.74 23.84
C GLN B 288 -24.86 14.30 22.46
N LEU B 289 -23.96 13.94 21.53
CA LEU B 289 -24.33 13.50 20.19
C LEU B 289 -24.08 12.00 19.95
N ALA B 290 -23.68 11.29 21.01
CA ALA B 290 -23.32 9.86 20.93
C ALA B 290 -24.50 8.98 20.51
N GLY B 291 -24.23 8.01 19.64
CA GLY B 291 -25.27 7.11 19.15
C GLY B 291 -25.34 5.82 19.95
N GLY B 292 -26.25 4.95 19.56
CA GLY B 292 -26.30 3.57 20.06
C GLY B 292 -26.62 2.63 18.92
N ASP B 293 -27.34 1.56 19.22
CA ASP B 293 -27.79 0.63 18.19
C ASP B 293 -28.91 1.24 17.32
N ALA B 294 -29.33 0.49 16.29
CA ALA B 294 -30.32 0.97 15.34
C ALA B 294 -31.60 1.44 16.02
N GLN B 295 -32.03 0.74 17.06
CA GLN B 295 -33.24 1.12 17.79
C GLN B 295 -33.08 2.43 18.53
N ALA B 296 -31.96 2.61 19.21
CA ALA B 296 -31.71 3.85 19.95
C ALA B 296 -31.63 5.05 18.98
N ASN B 297 -30.95 4.85 17.87
CA ASN B 297 -30.81 5.89 16.89
C ASN B 297 -32.13 6.20 16.21
N ALA B 298 -32.98 5.19 16.01
CA ALA B 298 -34.33 5.42 15.51
C ALA B 298 -35.09 6.31 16.49
N ALA B 299 -35.04 5.98 17.77
CA ALA B 299 -35.69 6.78 18.79
C ALA B 299 -35.16 8.23 18.80
N ALA B 300 -33.87 8.42 18.52
CA ALA B 300 -33.32 9.78 18.44
C ALA B 300 -33.90 10.55 17.26
N VAL B 301 -34.07 9.88 16.12
CA VAL B 301 -34.71 10.52 14.98
C VAL B 301 -36.12 10.96 15.33
N ARG B 302 -36.88 10.04 15.93
CA ARG B 302 -38.27 10.33 16.31
C ARG B 302 -38.34 11.48 17.31
N ALA B 303 -37.38 11.56 18.23
CA ALA B 303 -37.37 12.64 19.23
C ALA B 303 -37.16 13.99 18.54
N VAL B 304 -36.19 14.07 17.62
CA VAL B 304 -35.89 15.32 16.94
C VAL B 304 -37.04 15.75 16.04
N LEU B 305 -37.64 14.83 15.30
CA LEU B 305 -38.71 15.22 14.39
C LEU B 305 -39.97 15.61 15.16
N GLY B 306 -40.09 15.13 16.38
CA GLY B 306 -41.21 15.47 17.24
C GLY B 306 -41.08 16.82 17.90
N GLY B 307 -39.96 17.49 17.68
CA GLY B 307 -39.74 18.83 18.18
C GLY B 307 -38.92 18.93 19.45
N ALA B 308 -38.30 17.83 19.90
CA ALA B 308 -37.47 17.89 21.11
C ALA B 308 -36.29 18.82 20.92
N ARG B 309 -36.06 19.64 21.94
CA ARG B 309 -35.04 20.65 21.89
C ARG B 309 -33.80 20.05 22.51
N GLY B 310 -32.66 20.67 22.23
CA GLY B 310 -31.39 20.13 22.74
C GLY B 310 -30.34 20.03 21.66
N PRO B 311 -29.20 19.41 22.02
CA PRO B 311 -28.05 19.41 21.12
C PRO B 311 -28.20 18.59 19.84
N VAL B 312 -29.03 17.55 19.85
CA VAL B 312 -29.17 16.73 18.65
C VAL B 312 -29.94 17.56 17.63
N ARG B 313 -31.07 18.14 18.03
CA ARG B 313 -31.78 19.10 17.18
C ARG B 313 -30.86 20.18 16.64
N ASP B 314 -30.09 20.82 17.51
CA ASP B 314 -29.18 21.88 17.06
C ASP B 314 -28.28 21.39 15.93
N ALA B 315 -27.69 20.21 16.12
CA ALA B 315 -26.79 19.66 15.11
C ALA B 315 -27.54 19.34 13.79
N VAL B 316 -28.76 18.83 13.90
CA VAL B 316 -29.56 18.47 12.71
C VAL B 316 -29.92 19.73 11.92
N VAL B 317 -30.32 20.77 12.65
CA VAL B 317 -30.72 22.04 12.05
C VAL B 317 -29.55 22.65 11.29
N LEU B 318 -28.38 22.60 11.91
CA LEU B 318 -27.16 23.16 11.33
C LEU B 318 -26.79 22.43 10.03
N ASN B 319 -26.83 21.11 10.04
CA ASN B 319 -26.47 20.36 8.86
C ASN B 319 -27.54 20.48 7.77
N ALA B 320 -28.81 20.48 8.16
CA ALA B 320 -29.88 20.74 7.20
C ALA B 320 -29.72 22.13 6.53
N ALA B 321 -29.44 23.16 7.33
CA ALA B 321 -29.19 24.50 6.77
C ALA B 321 -28.05 24.50 5.76
N GLY B 322 -26.95 23.83 6.10
CA GLY B 322 -25.82 23.65 5.15
C GLY B 322 -26.19 23.05 3.81
N ALA B 323 -27.07 22.05 3.81
CA ALA B 323 -27.51 21.41 2.56
C ALA B 323 -28.38 22.39 1.82
N ILE B 324 -29.17 23.15 2.57
CA ILE B 324 -30.07 24.11 1.96
C ILE B 324 -29.26 25.24 1.33
N VAL B 325 -28.19 25.64 1.99
CA VAL B 325 -27.26 26.65 1.43
C VAL B 325 -26.62 26.14 0.15
N ALA B 326 -26.18 24.88 0.15
CA ALA B 326 -25.58 24.28 -1.03
C ALA B 326 -26.58 24.26 -2.18
N HIS B 327 -27.81 23.85 -1.89
CA HIS B 327 -28.89 23.84 -2.88
C HIS B 327 -29.15 25.24 -3.48
N ALA B 328 -29.19 26.26 -2.63
CA ALA B 328 -29.36 27.65 -3.08
C ALA B 328 -28.26 28.06 -4.05
N GLY B 329 -27.04 27.61 -3.77
CA GLY B 329 -25.91 27.83 -4.66
C GLY B 329 -26.07 27.33 -6.09
N LEU B 330 -27.01 26.42 -6.31
CA LEU B 330 -27.28 25.96 -7.68
C LEU B 330 -27.74 27.09 -8.57
N SER B 331 -28.60 27.97 -8.05
CA SER B 331 -29.24 28.99 -8.87
C SER B 331 -29.02 30.42 -8.37
N SER B 332 -27.94 30.68 -7.61
CA SER B 332 -27.78 32.01 -6.99
C SER B 332 -26.36 32.56 -6.92
N ARG B 333 -25.58 32.10 -5.95
CA ARG B 333 -24.45 32.86 -5.41
C ARG B 333 -24.96 33.99 -4.48
N ALA B 334 -26.02 33.71 -3.72
CA ALA B 334 -26.52 34.64 -2.71
C ALA B 334 -25.47 34.78 -1.60
N GLU B 335 -25.62 35.82 -0.79
CA GLU B 335 -24.64 36.10 0.24
C GLU B 335 -24.66 35.00 1.27
N TRP B 336 -23.48 34.70 1.77
CA TRP B 336 -23.24 33.63 2.72
C TRP B 336 -24.08 33.72 3.98
N LEU B 337 -24.00 34.83 4.71
CA LEU B 337 -24.68 34.93 6.01
C LEU B 337 -26.21 34.92 5.91
N PRO B 338 -26.78 35.64 4.94
CA PRO B 338 -28.21 35.54 4.69
C PRO B 338 -28.63 34.14 4.27
N ALA B 339 -27.88 33.52 3.37
CA ALA B 339 -28.15 32.15 2.93
C ALA B 339 -28.27 31.22 4.14
N TRP B 340 -27.31 31.29 5.05
CA TRP B 340 -27.34 30.51 6.27
C TRP B 340 -28.53 30.80 7.18
N GLU B 341 -28.87 32.08 7.32
CA GLU B 341 -29.98 32.49 8.17
C GLU B 341 -31.28 31.86 7.68
N GLU B 342 -31.53 31.98 6.38
CA GLU B 342 -32.72 31.41 5.77
C GLU B 342 -32.70 29.89 5.85
N GLY B 343 -31.52 29.31 5.63
CA GLY B 343 -31.36 27.87 5.70
C GLY B 343 -31.74 27.34 7.07
N LEU B 344 -31.26 28.03 8.11
CA LEU B 344 -31.54 27.64 9.48
C LEU B 344 -33.01 27.83 9.81
N ARG B 345 -33.61 28.91 9.33
CA ARG B 345 -35.02 29.17 9.57
C ARG B 345 -35.92 28.11 8.88
N ARG B 346 -35.60 27.78 7.63
CA ARG B 346 -36.31 26.76 6.89
C ARG B 346 -36.20 25.39 7.58
N ALA B 347 -35.01 25.04 8.07
CA ALA B 347 -34.84 23.78 8.76
C ALA B 347 -35.66 23.72 10.03
N SER B 348 -35.70 24.83 10.79
CA SER B 348 -36.44 24.89 12.04
C SER B 348 -37.92 24.82 11.79
N ALA B 349 -38.39 25.56 10.81
CA ALA B 349 -39.80 25.51 10.45
C ALA B 349 -40.20 24.12 9.99
N ALA B 350 -39.34 23.44 9.24
CA ALA B 350 -39.67 22.11 8.74
C ALA B 350 -39.96 21.17 9.90
N ILE B 351 -39.17 21.28 10.96
CA ILE B 351 -39.46 20.46 12.16
C ILE B 351 -40.72 20.98 12.84
N ASP B 352 -40.74 22.29 13.15
CA ASP B 352 -41.79 22.81 14.04
C ASP B 352 -43.18 22.90 13.43
N THR B 353 -43.31 22.90 12.11
CA THR B 353 -44.63 22.77 11.49
C THR B 353 -45.19 21.35 11.51
N GLY B 354 -44.35 20.38 11.88
CA GLY B 354 -44.68 18.98 11.77
C GLY B 354 -44.27 18.39 10.43
N ALA B 355 -43.77 19.22 9.51
CA ALA B 355 -43.53 18.75 8.14
C ALA B 355 -42.52 17.58 8.09
N ALA B 356 -41.45 17.63 8.89
CA ALA B 356 -40.43 16.59 8.88
C ALA B 356 -40.92 15.25 9.41
N GLU B 357 -41.60 15.29 10.56
CA GLU B 357 -42.24 14.10 11.13
C GLU B 357 -43.23 13.52 10.12
N GLN B 358 -44.01 14.38 9.48
CA GLN B 358 -44.96 13.94 8.45
C GLN B 358 -44.26 13.33 7.24
N LEU B 359 -43.13 13.91 6.83
CA LEU B 359 -42.42 13.38 5.67
C LEU B 359 -41.91 11.96 5.95
N LEU B 360 -41.31 11.74 7.11
CA LEU B 360 -40.88 10.41 7.43
C LEU B 360 -42.04 9.43 7.39
N ALA B 361 -43.19 9.80 7.96
CA ALA B 361 -44.37 8.92 7.90
C ALA B 361 -44.80 8.66 6.45
N ARG B 362 -44.77 9.69 5.59
CA ARG B 362 -45.11 9.48 4.17
C ARG B 362 -44.12 8.51 3.51
N TRP B 363 -42.85 8.64 3.89
CA TRP B 363 -41.79 7.80 3.35
C TRP B 363 -42.00 6.34 3.76
N VAL B 364 -42.37 6.14 5.02
CA VAL B 364 -42.63 4.80 5.54
C VAL B 364 -43.86 4.22 4.83
N ARG B 365 -44.90 5.03 4.70
CA ARG B 365 -46.10 4.61 3.99
C ARG B 365 -45.84 4.20 2.54
N PHE B 366 -45.04 5.01 1.82
CA PHE B 366 -44.68 4.68 0.44
C PHE B 366 -44.05 3.27 0.34
N GLY B 367 -43.08 2.97 1.20
CA GLY B 367 -42.47 1.66 1.20
C GLY B 367 -43.47 0.53 1.46
N ARG B 368 -44.43 0.78 2.35
CA ARG B 368 -45.44 -0.23 2.69
C ARG B 368 -46.44 -0.46 1.55
N GLN B 369 -46.59 0.50 0.64
CA GLN B 369 -47.46 0.36 -0.51
C GLN B 369 -46.90 -0.50 -1.61
N ILE B 370 -45.60 -0.76 -1.58
CA ILE B 370 -44.97 -1.47 -2.68
C ILE B 370 -45.57 -2.86 -2.82
N LEU B 371 -45.66 -3.59 -1.72
CA LEU B 371 -46.45 -4.82 -1.69
C LEU B 371 -47.90 -4.48 -2.05
MG MG C . 22.74 -7.97 -9.70
MG MG D . 23.66 -10.33 -7.55
P1 POP E . 21.87 -12.72 -7.09
O1 POP E . 21.67 -14.01 -6.36
O2 POP E . 22.73 -11.65 -6.47
O3 POP E . 20.50 -12.26 -7.57
O POP E . 22.62 -13.37 -8.36
P2 POP E . 23.36 -12.70 -9.62
O4 POP E . 24.38 -13.80 -9.93
O5 POP E . 23.95 -11.38 -9.17
O6 POP E . 22.28 -12.65 -10.66
NAA 5RG F . 16.55 -11.48 -4.32
OAB 5RG F . 14.16 -11.88 -4.47
OAC 5RG F . 13.54 -13.95 -4.67
FAD 5RG F . 16.94 -16.28 -2.23
CAE 5RG F . 17.90 -13.12 -3.24
CAF 5RG F . 17.98 -14.38 -2.69
CAG 5RG F . 15.66 -14.79 -3.22
CAH 5RG F . 14.38 -13.10 -4.32
CAI 5RG F . 16.70 -12.69 -3.78
CAJ 5RG F . 16.86 -15.20 -2.69
CAK 5RG F . 15.58 -13.51 -3.77
NAA 5RG G . 8.14 -20.43 -1.31
OAB 5RG G . 7.47 -19.16 -5.14
OAC 5RG G . 6.79 -20.37 -3.47
FAD 5RG G . 11.54 -16.82 -3.53
CAE 5RG G . 10.05 -19.07 -1.17
CAF 5RG G . 10.91 -18.15 -1.74
CAG 5RG G . 9.61 -18.17 -3.78
CAH 5RG G . 7.63 -19.57 -3.96
CAI 5RG G . 8.96 -19.54 -1.88
CAJ 5RG G . 10.69 -17.70 -3.03
CAK 5RG G . 8.72 -19.11 -3.20
C1 GOL H . 40.62 2.61 -3.17
O1 GOL H . 40.40 2.99 -4.52
C2 GOL H . 39.29 2.12 -2.64
O2 GOL H . 38.35 3.18 -2.82
C3 GOL H . 39.45 1.66 -1.19
O3 GOL H . 38.24 1.74 -0.40
C1 GOL I . 11.95 -1.43 21.95
O1 GOL I . 13.23 -1.13 21.38
C2 GOL I . 11.19 -0.26 22.57
O2 GOL I . 12.09 0.75 23.05
C3 GOL I . 10.34 -0.75 23.73
O3 GOL I . 11.14 -1.43 24.71
MG MG J . -23.05 11.55 8.02
MG MG K . -21.09 11.22 10.80
C1 PRP L . -21.91 7.50 6.61
C2 PRP L . -21.75 6.01 6.37
C3 PRP L . -22.43 5.46 7.61
C4 PRP L . -22.15 6.53 8.70
C5 PRP L . -21.10 6.11 9.72
O1 PRP L . -23.27 7.76 6.34
O2 PRP L . -22.36 5.52 5.15
O3 PRP L . -23.85 5.32 7.40
O4 PRP L . -21.71 7.71 8.02
O5 PRP L . -19.93 5.62 9.07
P PRP L . -18.85 4.77 9.91
O1P PRP L . -17.65 4.62 8.99
O2P PRP L . -18.59 5.65 11.09
O3P PRP L . -19.58 3.46 10.19
PA PRP L . -24.12 9.11 6.35
O1A PRP L . -23.30 10.36 6.54
O2A PRP L . -24.97 8.95 5.13
O3A PRP L . -25.08 8.71 7.58
PB PRP L . -25.32 9.40 9.01
O1B PRP L . -24.99 8.28 9.98
O2B PRP L . -26.79 9.73 8.96
O3B PRP L . -24.51 10.67 9.11
NAA 5RG M . -21.14 -4.07 -3.89
OAB 5RG M . -20.56 -5.78 -2.07
OAC 5RG M . -20.31 -5.13 -0.02
FAD 5RG M . -20.46 -0.29 -0.20
CAE 5RG M . -21.10 -1.79 -3.32
CAF 5RG M . -20.93 -0.81 -2.37
CAG 5RG M . -20.49 -2.51 -0.69
CAH 5RG M . -20.52 -4.86 -1.22
CAI 5RG M . -20.96 -3.14 -2.97
CAJ 5RG M . -20.62 -1.18 -1.06
CAK 5RG M . -20.66 -3.53 -1.63
NAA 5RG N . -19.67 6.13 3.39
OAB 5RG N . -20.11 2.41 2.22
OAC 5RG N . -18.38 3.72 2.30
FAD 5RG N . -22.70 5.08 -0.90
CAE 5RG N . -21.26 6.88 1.81
CAF 5RG N . -22.07 6.62 0.69
CAG 5RG N . -21.18 4.36 0.59
CAH 5RG N . -19.60 3.55 2.11
CAI 5RG N . -20.44 5.88 2.32
CAJ 5RG N . -22.01 5.35 0.09
CAK 5RG N . -20.39 4.61 1.70
C1 GOL O . -44.71 1.09 9.24
O1 GOL O . -44.05 0.12 8.40
C2 GOL O . -46.07 1.64 8.74
O2 GOL O . -46.86 1.91 9.89
C3 GOL O . -46.03 2.93 7.90
O3 GOL O . -47.07 3.23 6.96
C1 GOL P . -19.07 32.52 8.97
O1 GOL P . -18.87 31.45 8.03
C2 GOL P . -19.55 31.95 10.30
O2 GOL P . -18.44 31.34 10.98
C3 GOL P . -20.17 33.04 11.17
O3 GOL P . -20.43 32.55 12.49
N1 IMD Q . -41.90 3.71 18.97
C2 IMD Q . -42.34 3.60 17.68
N3 IMD Q . -43.04 4.72 17.38
C4 IMD Q . -43.04 5.53 18.47
C5 IMD Q . -42.33 4.89 19.46
N1 IMD R . -45.26 18.41 15.43
C2 IMD R . -44.04 17.82 15.45
N3 IMD R . -43.14 18.72 15.92
C4 IMD R . -43.79 19.86 16.20
C5 IMD R . -45.12 19.67 15.89
#